data_196D
# 
_entry.id   196D 
# 
_audit_conform.dict_name       mmcif_pdbx.dic 
_audit_conform.dict_version    5.385 
_audit_conform.dict_location   http://mmcif.pdb.org/dictionaries/ascii/mmcif_pdbx.dic 
# 
loop_
_database_2.database_id 
_database_2.database_code 
_database_2.pdbx_database_accession 
_database_2.pdbx_DOI 
PDB   196D         pdb_0000196d 10.2210/pdb196d/pdb 
RCSB  BDJ060       ?            ?                   
WWPDB D_1000170213 ?            ?                   
# 
loop_
_pdbx_audit_revision_history.ordinal 
_pdbx_audit_revision_history.data_content_type 
_pdbx_audit_revision_history.major_revision 
_pdbx_audit_revision_history.minor_revision 
_pdbx_audit_revision_history.revision_date 
1 'Structure model' 1 0 1995-02-27 
2 'Structure model' 1 1 2008-05-22 
3 'Structure model' 1 2 2011-07-13 
4 'Structure model' 1 3 2024-02-07 
# 
_pdbx_audit_revision_details.ordinal             1 
_pdbx_audit_revision_details.revision_ordinal    1 
_pdbx_audit_revision_details.data_content_type   'Structure model' 
_pdbx_audit_revision_details.provider            repository 
_pdbx_audit_revision_details.type                'Initial release' 
_pdbx_audit_revision_details.description         ? 
_pdbx_audit_revision_details.details             ? 
# 
loop_
_pdbx_audit_revision_group.ordinal 
_pdbx_audit_revision_group.revision_ordinal 
_pdbx_audit_revision_group.data_content_type 
_pdbx_audit_revision_group.group 
1 2 'Structure model' 'Version format compliance' 
2 3 'Structure model' 'Version format compliance' 
3 4 'Structure model' 'Data collection'           
4 4 'Structure model' 'Database references'       
5 4 'Structure model' 'Derived calculations'      
# 
loop_
_pdbx_audit_revision_category.ordinal 
_pdbx_audit_revision_category.revision_ordinal 
_pdbx_audit_revision_category.data_content_type 
_pdbx_audit_revision_category.category 
1 4 'Structure model' chem_comp_atom         
2 4 'Structure model' chem_comp_bond         
3 4 'Structure model' database_2             
4 4 'Structure model' pdbx_struct_conn_angle 
5 4 'Structure model' struct_conn            
6 4 'Structure model' struct_site            
# 
loop_
_pdbx_audit_revision_item.ordinal 
_pdbx_audit_revision_item.revision_ordinal 
_pdbx_audit_revision_item.data_content_type 
_pdbx_audit_revision_item.item 
1  4 'Structure model' '_database_2.pdbx_DOI'                        
2  4 'Structure model' '_database_2.pdbx_database_accession'         
3  4 'Structure model' '_pdbx_struct_conn_angle.ptnr1_auth_asym_id'  
4  4 'Structure model' '_pdbx_struct_conn_angle.ptnr1_auth_comp_id'  
5  4 'Structure model' '_pdbx_struct_conn_angle.ptnr1_auth_seq_id'   
6  4 'Structure model' '_pdbx_struct_conn_angle.ptnr1_label_asym_id' 
7  4 'Structure model' '_pdbx_struct_conn_angle.ptnr1_label_atom_id' 
8  4 'Structure model' '_pdbx_struct_conn_angle.ptnr1_label_comp_id' 
9  4 'Structure model' '_pdbx_struct_conn_angle.ptnr1_label_seq_id'  
10 4 'Structure model' '_pdbx_struct_conn_angle.ptnr2_auth_asym_id'  
11 4 'Structure model' '_pdbx_struct_conn_angle.ptnr2_auth_seq_id'   
12 4 'Structure model' '_pdbx_struct_conn_angle.ptnr2_label_asym_id' 
13 4 'Structure model' '_pdbx_struct_conn_angle.ptnr3_auth_asym_id'  
14 4 'Structure model' '_pdbx_struct_conn_angle.ptnr3_auth_comp_id'  
15 4 'Structure model' '_pdbx_struct_conn_angle.ptnr3_auth_seq_id'   
16 4 'Structure model' '_pdbx_struct_conn_angle.ptnr3_label_asym_id' 
17 4 'Structure model' '_pdbx_struct_conn_angle.ptnr3_label_atom_id' 
18 4 'Structure model' '_pdbx_struct_conn_angle.ptnr3_label_comp_id' 
19 4 'Structure model' '_pdbx_struct_conn_angle.ptnr3_label_seq_id'  
20 4 'Structure model' '_pdbx_struct_conn_angle.value'               
21 4 'Structure model' '_struct_conn.pdbx_dist_value'                
22 4 'Structure model' '_struct_conn.ptnr1_auth_asym_id'             
23 4 'Structure model' '_struct_conn.ptnr1_auth_comp_id'             
24 4 'Structure model' '_struct_conn.ptnr1_auth_seq_id'              
25 4 'Structure model' '_struct_conn.ptnr1_label_asym_id'            
26 4 'Structure model' '_struct_conn.ptnr1_label_atom_id'            
27 4 'Structure model' '_struct_conn.ptnr1_label_comp_id'            
28 4 'Structure model' '_struct_conn.ptnr1_label_seq_id'             
29 4 'Structure model' '_struct_conn.ptnr2_auth_asym_id'             
30 4 'Structure model' '_struct_conn.ptnr2_auth_comp_id'             
31 4 'Structure model' '_struct_conn.ptnr2_auth_seq_id'              
32 4 'Structure model' '_struct_conn.ptnr2_label_asym_id'            
33 4 'Structure model' '_struct_conn.ptnr2_label_atom_id'            
34 4 'Structure model' '_struct_conn.ptnr2_label_comp_id'            
35 4 'Structure model' '_struct_site.pdbx_auth_asym_id'              
36 4 'Structure model' '_struct_site.pdbx_auth_comp_id'              
37 4 'Structure model' '_struct_site.pdbx_auth_seq_id'               
# 
_pdbx_database_status.status_code                     REL 
_pdbx_database_status.entry_id                        196D 
_pdbx_database_status.recvd_initial_deposition_date   1994-11-07 
_pdbx_database_status.deposit_site                    BNL 
_pdbx_database_status.process_site                    NDB 
_pdbx_database_status.status_code_sf                  REL 
_pdbx_database_status.status_code_mr                  ? 
_pdbx_database_status.SG_entry                        ? 
_pdbx_database_status.pdb_format_compatible           Y 
_pdbx_database_status.status_code_cs                  ? 
_pdbx_database_status.status_code_nmr_data            ? 
_pdbx_database_status.methods_development_category    ? 
# 
loop_
_audit_author.name 
_audit_author.pdbx_ordinal 
'Goodsell, D.S.'  1 
'Grzeskowiak, K.' 2 
'Dickerson, R.E.' 3 
# 
_citation.id                        primary 
_citation.title                     
'Crystal structure of C-T-C-T-C-G-A-G-A-G. Implications for the structure of the Holliday junction.' 
_citation.journal_abbrev            Biochemistry 
_citation.journal_volume            34 
_citation.page_first                1022 
_citation.page_last                 1029 
_citation.year                      1995 
_citation.journal_id_ASTM           BICHAW 
_citation.country                   US 
_citation.journal_id_ISSN           0006-2960 
_citation.journal_id_CSD            0033 
_citation.book_publisher            ? 
_citation.pdbx_database_id_PubMed   7827018 
_citation.pdbx_database_id_DOI      10.1021/bi00003a037 
# 
loop_
_citation_author.citation_id 
_citation_author.name 
_citation_author.ordinal 
_citation_author.identifier_ORCID 
primary 'Goodsell, D.S.'  1 ? 
primary 'Grzeskowiak, K.' 2 ? 
primary 'Dickerson, R.E.' 3 ? 
# 
loop_
_entity.id 
_entity.type 
_entity.src_method 
_entity.pdbx_description 
_entity.formula_weight 
_entity.pdbx_number_of_molecules 
_entity.pdbx_ec 
_entity.pdbx_mutation 
_entity.pdbx_fragment 
_entity.details 
1 polymer     syn 
;DNA (5'-D(*CP*TP*CP*TP*CP*GP*AP*GP*AP*G)-3')
;
3045.004 2   ? ? ? ? 
2 non-polymer syn 'CALCIUM ION'                                  40.078   6   ? ? ? ? 
3 water       nat water                                          18.015   114 ? ? ? ? 
# 
_entity_poly.entity_id                      1 
_entity_poly.type                           polydeoxyribonucleotide 
_entity_poly.nstd_linkage                   no 
_entity_poly.nstd_monomer                   no 
_entity_poly.pdbx_seq_one_letter_code       '(DC)(DT)(DC)(DT)(DC)(DG)(DA)(DG)(DA)(DG)' 
_entity_poly.pdbx_seq_one_letter_code_can   CTCTCGAGAG 
_entity_poly.pdbx_strand_id                 A,B 
_entity_poly.pdbx_target_identifier         ? 
# 
loop_
_pdbx_entity_nonpoly.entity_id 
_pdbx_entity_nonpoly.name 
_pdbx_entity_nonpoly.comp_id 
2 'CALCIUM ION' CA  
3 water         HOH 
# 
loop_
_entity_poly_seq.entity_id 
_entity_poly_seq.num 
_entity_poly_seq.mon_id 
_entity_poly_seq.hetero 
1 1  DC n 
1 2  DT n 
1 3  DC n 
1 4  DT n 
1 5  DC n 
1 6  DG n 
1 7  DA n 
1 8  DG n 
1 9  DA n 
1 10 DG n 
# 
loop_
_chem_comp.id 
_chem_comp.type 
_chem_comp.mon_nstd_flag 
_chem_comp.name 
_chem_comp.pdbx_synonyms 
_chem_comp.formula 
_chem_comp.formula_weight 
CA  non-polymer   . 'CALCIUM ION'                        ? 'Ca 2'            40.078  
DA  'DNA linking' y "2'-DEOXYADENOSINE-5'-MONOPHOSPHATE" ? 'C10 H14 N5 O6 P' 331.222 
DC  'DNA linking' y "2'-DEOXYCYTIDINE-5'-MONOPHOSPHATE"  ? 'C9 H14 N3 O7 P'  307.197 
DG  'DNA linking' y "2'-DEOXYGUANOSINE-5'-MONOPHOSPHATE" ? 'C10 H14 N5 O7 P' 347.221 
DT  'DNA linking' y "THYMIDINE-5'-MONOPHOSPHATE"         ? 'C10 H15 N2 O8 P' 322.208 
HOH non-polymer   . WATER                                ? 'H2 O'            18.015  
# 
loop_
_pdbx_poly_seq_scheme.asym_id 
_pdbx_poly_seq_scheme.entity_id 
_pdbx_poly_seq_scheme.seq_id 
_pdbx_poly_seq_scheme.mon_id 
_pdbx_poly_seq_scheme.ndb_seq_num 
_pdbx_poly_seq_scheme.pdb_seq_num 
_pdbx_poly_seq_scheme.auth_seq_num 
_pdbx_poly_seq_scheme.pdb_mon_id 
_pdbx_poly_seq_scheme.auth_mon_id 
_pdbx_poly_seq_scheme.pdb_strand_id 
_pdbx_poly_seq_scheme.pdb_ins_code 
_pdbx_poly_seq_scheme.hetero 
A 1 1  DC 1  1  1  DC C A . n 
A 1 2  DT 2  2  2  DT T A . n 
A 1 3  DC 3  3  3  DC C A . n 
A 1 4  DT 4  4  4  DT T A . n 
A 1 5  DC 5  5  5  DC C A . n 
A 1 6  DG 6  6  6  DG G A . n 
A 1 7  DA 7  7  7  DA A A . n 
A 1 8  DG 8  8  8  DG G A . n 
A 1 9  DA 9  9  9  DA A A . n 
A 1 10 DG 10 10 10 DG G A . n 
B 1 1  DC 1  11 11 DC C B . n 
B 1 2  DT 2  12 12 DT T B . n 
B 1 3  DC 3  13 13 DC C B . n 
B 1 4  DT 4  14 14 DT T B . n 
B 1 5  DC 5  15 15 DC C B . n 
B 1 6  DG 6  16 16 DG G B . n 
B 1 7  DA 7  17 17 DA A B . n 
B 1 8  DG 8  18 18 DG G B . n 
B 1 9  DA 9  19 19 DA A B . n 
B 1 10 DG 10 20 20 DG G B . n 
# 
loop_
_pdbx_nonpoly_scheme.asym_id 
_pdbx_nonpoly_scheme.entity_id 
_pdbx_nonpoly_scheme.mon_id 
_pdbx_nonpoly_scheme.ndb_seq_num 
_pdbx_nonpoly_scheme.pdb_seq_num 
_pdbx_nonpoly_scheme.auth_seq_num 
_pdbx_nonpoly_scheme.pdb_mon_id 
_pdbx_nonpoly_scheme.auth_mon_id 
_pdbx_nonpoly_scheme.pdb_strand_id 
_pdbx_nonpoly_scheme.pdb_ins_code 
C 2 CA  1  21  21  CA  OC7 A . 
D 2 CA  1  22  22  CA  OC7 A . 
E 2 CA  1  24  24  CA  OC7 A . 
F 2 CA  1  23  23  CA  OC7 B . 
G 2 CA  1  25  25  CA  OC7 B . 
H 2 CA  1  26  26  CA  OC7 B . 
I 3 HOH 1  28  28  HOH HOH A . 
I 3 HOH 2  30  30  HOH HOH A . 
I 3 HOH 3  31  31  HOH HOH A . 
I 3 HOH 4  36  36  HOH HOH A . 
I 3 HOH 5  37  37  HOH HOH A . 
I 3 HOH 6  44  44  HOH HOH A . 
I 3 HOH 7  46  46  HOH HOH A . 
I 3 HOH 8  47  47  HOH HOH A . 
I 3 HOH 9  48  48  HOH HOH A . 
I 3 HOH 10 49  49  HOH HOH A . 
I 3 HOH 11 51  51  HOH HOH A . 
I 3 HOH 12 52  52  HOH HOH A . 
I 3 HOH 13 53  53  HOH HOH A . 
I 3 HOH 14 54  54  HOH HOH A . 
I 3 HOH 15 59  59  HOH HOH A . 
I 3 HOH 16 64  64  HOH HOH A . 
I 3 HOH 17 66  66  HOH HOH A . 
I 3 HOH 18 70  70  HOH HOH A . 
I 3 HOH 19 71  71  HOH HOH A . 
I 3 HOH 20 73  73  HOH HOH A . 
I 3 HOH 21 75  75  HOH HOH A . 
I 3 HOH 22 76  76  HOH HOH A . 
I 3 HOH 23 78  78  HOH HOH A . 
I 3 HOH 24 79  79  HOH HOH A . 
I 3 HOH 25 81  81  HOH HOH A . 
I 3 HOH 26 82  82  HOH HOH A . 
I 3 HOH 27 85  85  HOH HOH A . 
I 3 HOH 28 87  87  HOH HOH A . 
I 3 HOH 29 89  89  HOH HOH A . 
I 3 HOH 30 93  93  HOH HOH A . 
I 3 HOH 31 96  96  HOH HOH A . 
I 3 HOH 32 98  98  HOH HOH A . 
I 3 HOH 33 101 101 HOH HOH A . 
I 3 HOH 34 103 103 HOH HOH A . 
I 3 HOH 35 104 104 HOH HOH A . 
I 3 HOH 36 105 105 HOH HOH A . 
I 3 HOH 37 108 108 HOH HOH A . 
I 3 HOH 38 111 21  HOH OC7 A . 
I 3 HOH 39 112 21  HOH OC7 A . 
I 3 HOH 40 113 21  HOH OC7 A . 
I 3 HOH 41 116 22  HOH OC7 A . 
I 3 HOH 42 117 22  HOH OC7 A . 
I 3 HOH 43 118 22  HOH OC7 A . 
I 3 HOH 44 119 22  HOH OC7 A . 
I 3 HOH 45 120 22  HOH OC7 A . 
I 3 HOH 46 124 24  HOH OC7 A . 
I 3 HOH 47 126 24  HOH OC7 A . 
I 3 HOH 48 127 24  HOH OC7 A . 
I 3 HOH 49 131 25  HOH OC7 A . 
I 3 HOH 50 134 25  HOH OC7 A . 
J 3 HOH 1  27  27  HOH HOH B . 
J 3 HOH 2  29  29  HOH HOH B . 
J 3 HOH 3  32  32  HOH HOH B . 
J 3 HOH 4  33  33  HOH HOH B . 
J 3 HOH 5  34  34  HOH HOH B . 
J 3 HOH 6  35  35  HOH HOH B . 
J 3 HOH 7  38  38  HOH HOH B . 
J 3 HOH 8  39  39  HOH HOH B . 
J 3 HOH 9  40  40  HOH HOH B . 
J 3 HOH 10 41  41  HOH HOH B . 
J 3 HOH 11 42  42  HOH HOH B . 
J 3 HOH 12 43  43  HOH HOH B . 
J 3 HOH 13 45  45  HOH HOH B . 
J 3 HOH 14 50  50  HOH HOH B . 
J 3 HOH 15 55  55  HOH HOH B . 
J 3 HOH 16 56  56  HOH HOH B . 
J 3 HOH 17 57  57  HOH HOH B . 
J 3 HOH 18 58  58  HOH HOH B . 
J 3 HOH 19 60  60  HOH HOH B . 
J 3 HOH 20 61  61  HOH HOH B . 
J 3 HOH 21 62  62  HOH HOH B . 
J 3 HOH 22 63  63  HOH HOH B . 
J 3 HOH 23 65  65  HOH HOH B . 
J 3 HOH 24 67  67  HOH HOH B . 
J 3 HOH 25 68  68  HOH HOH B . 
J 3 HOH 26 69  69  HOH HOH B . 
J 3 HOH 27 72  72  HOH HOH B . 
J 3 HOH 28 74  74  HOH HOH B . 
J 3 HOH 29 77  77  HOH HOH B . 
J 3 HOH 30 80  80  HOH HOH B . 
J 3 HOH 31 83  83  HOH HOH B . 
J 3 HOH 32 84  84  HOH HOH B . 
J 3 HOH 33 86  86  HOH HOH B . 
J 3 HOH 34 88  88  HOH HOH B . 
J 3 HOH 35 90  90  HOH HOH B . 
J 3 HOH 36 91  91  HOH HOH B . 
J 3 HOH 37 92  92  HOH HOH B . 
J 3 HOH 38 94  94  HOH HOH B . 
J 3 HOH 39 95  95  HOH HOH B . 
J 3 HOH 40 97  97  HOH HOH B . 
J 3 HOH 41 99  99  HOH HOH B . 
J 3 HOH 42 100 100 HOH HOH B . 
J 3 HOH 43 102 102 HOH HOH B . 
J 3 HOH 44 106 106 HOH HOH B . 
J 3 HOH 45 107 107 HOH HOH B . 
J 3 HOH 46 109 21  HOH OC7 B . 
J 3 HOH 47 110 21  HOH OC7 B . 
J 3 HOH 48 114 21  HOH OC7 B . 
J 3 HOH 49 115 21  HOH OC7 B . 
J 3 HOH 50 121 23  HOH OC7 B . 
J 3 HOH 51 122 23  HOH OC7 B . 
J 3 HOH 52 123 23  HOH OC7 B . 
J 3 HOH 53 125 24  HOH OC7 B . 
J 3 HOH 54 128 24  HOH OC7 B . 
J 3 HOH 55 129 25  HOH OC7 B . 
J 3 HOH 56 130 25  HOH OC7 B . 
J 3 HOH 57 132 25  HOH OC7 B . 
J 3 HOH 58 133 25  HOH OC7 B . 
J 3 HOH 59 135 26  HOH OC7 B . 
J 3 HOH 60 136 26  HOH OC7 B . 
J 3 HOH 61 137 26  HOH OC7 B . 
J 3 HOH 62 138 26  HOH OC7 B . 
J 3 HOH 63 139 26  HOH OC7 B . 
J 3 HOH 64 140 26  HOH OC7 B . 
# 
_software.name             NUCLSQ 
_software.classification   refinement 
_software.version          . 
_software.citation_id      ? 
_software.pdbx_ordinal     1 
# 
_cell.entry_id           196D 
_cell.length_a           62.230 
_cell.length_b           24.320 
_cell.length_c           40.830 
_cell.angle_alpha        90.00 
_cell.angle_beta         126.78 
_cell.angle_gamma        90.00 
_cell.Z_PDB              8 
_cell.pdbx_unique_axis   ? 
# 
_symmetry.entry_id                         196D 
_symmetry.space_group_name_H-M             'C 1 2 1' 
_symmetry.pdbx_full_space_group_name_H-M   ? 
_symmetry.cell_setting                     ? 
_symmetry.Int_Tables_number                5 
# 
_exptl.entry_id          196D 
_exptl.method            'X-RAY DIFFRACTION' 
_exptl.crystals_number   ? 
# 
_exptl_crystal.id                    1 
_exptl_crystal.density_meas          ? 
_exptl_crystal.density_Matthews      2.03 
_exptl_crystal.density_percent_sol   39.46 
_exptl_crystal.description           ? 
# 
_exptl_crystal_grow.crystal_id      1 
_exptl_crystal_grow.method          'VAPOR DIFFUSION, SITTING DROP' 
_exptl_crystal_grow.temp            278.00 
_exptl_crystal_grow.temp_details    ? 
_exptl_crystal_grow.pH              ? 
_exptl_crystal_grow.pdbx_details    'VAPOR DIFFUSION, SITTING DROP, temperature 278.00K' 
_exptl_crystal_grow.pdbx_pH_range   ? 
# 
loop_
_exptl_crystal_grow_comp.crystal_id 
_exptl_crystal_grow_comp.id 
_exptl_crystal_grow_comp.sol_id 
_exptl_crystal_grow_comp.name 
_exptl_crystal_grow_comp.volume 
_exptl_crystal_grow_comp.conc 
_exptl_crystal_grow_comp.details 
1 1 1 WATER        ? ? ? 
1 2 1 MPD          ? ? ? 
1 3 1 'CA ACETATE' ? ? ? 
1 4 2 WATER        ? ? ? 
1 5 2 MPD          ? ? ? 
# 
_diffrn.id                     1 
_diffrn.ambient_temp           93.00 
_diffrn.ambient_temp_details   ? 
_diffrn.crystal_id             1 
# 
_diffrn_detector.diffrn_id              1 
_diffrn_detector.detector               'IMAGE PLATE' 
_diffrn_detector.type                   'RIGAKU RAXIS II' 
_diffrn_detector.pdbx_collection_date   ? 
_diffrn_detector.details                ? 
# 
_diffrn_radiation.diffrn_id                        1 
_diffrn_radiation.wavelength_id                    1 
_diffrn_radiation.pdbx_monochromatic_or_laue_m_l   ? 
_diffrn_radiation.monochromator                    ? 
_diffrn_radiation.pdbx_diffrn_protocol             ? 
_diffrn_radiation.pdbx_scattering_type             x-ray 
# 
_diffrn_radiation_wavelength.id           1 
_diffrn_radiation_wavelength.wavelength   . 
_diffrn_radiation_wavelength.wt           1.0 
# 
_diffrn_source.diffrn_id                   1 
_diffrn_source.source                      ? 
_diffrn_source.type                        ? 
_diffrn_source.pdbx_synchrotron_site       ? 
_diffrn_source.pdbx_synchrotron_beamline   ? 
_diffrn_source.pdbx_wavelength             ? 
_diffrn_source.pdbx_wavelength_list        ? 
# 
_reflns.entry_id                     196D 
_reflns.observed_criterion_sigma_I   ? 
_reflns.observed_criterion_sigma_F   ? 
_reflns.d_resolution_low             ? 
_reflns.d_resolution_high            1.700 
_reflns.number_obs                   4946 
_reflns.number_all                   ? 
_reflns.percent_possible_obs         87.000 
_reflns.pdbx_Rmerge_I_obs            ? 
_reflns.pdbx_Rsym_value              ? 
_reflns.pdbx_netI_over_sigmaI        ? 
_reflns.B_iso_Wilson_estimate        ? 
_reflns.pdbx_redundancy              ? 
_reflns.pdbx_diffrn_id               1 
_reflns.pdbx_ordinal                 1 
# 
_refine.entry_id                                 196D 
_refine.ls_number_reflns_obs                     4946 
_refine.ls_number_reflns_all                     ? 
_refine.pdbx_ls_sigma_I                          ? 
_refine.pdbx_ls_sigma_F                          2.000 
_refine.pdbx_data_cutoff_high_absF               ? 
_refine.pdbx_data_cutoff_low_absF                ? 
_refine.pdbx_data_cutoff_high_rms_absF           ? 
_refine.ls_d_res_low                             8.000 
_refine.ls_d_res_high                            1.700 
_refine.ls_percent_reflns_obs                    ? 
_refine.ls_R_factor_obs                          0.2000000 
_refine.ls_R_factor_all                          ? 
_refine.ls_R_factor_R_work                       ? 
_refine.ls_R_factor_R_free                       ? 
_refine.ls_R_factor_R_free_error                 ? 
_refine.ls_R_factor_R_free_error_details         ? 
_refine.ls_percent_reflns_R_free                 ? 
_refine.ls_number_reflns_R_free                  ? 
_refine.ls_number_parameters                     ? 
_refine.ls_number_restraints                     ? 
_refine.occupancy_min                            ? 
_refine.occupancy_max                            ? 
_refine.B_iso_mean                               ? 
_refine.aniso_B[1][1]                            ? 
_refine.aniso_B[2][2]                            ? 
_refine.aniso_B[3][3]                            ? 
_refine.aniso_B[1][2]                            ? 
_refine.aniso_B[1][3]                            ? 
_refine.aniso_B[2][3]                            ? 
_refine.solvent_model_details                    ? 
_refine.solvent_model_param_ksol                 ? 
_refine.solvent_model_param_bsol                 ? 
_refine.pdbx_ls_cross_valid_method               ? 
_refine.details                                  ? 
_refine.pdbx_starting_model                      ? 
_refine.pdbx_method_to_determine_struct          ? 
_refine.pdbx_isotropic_thermal_model             ? 
_refine.pdbx_stereochemistry_target_values       ? 
_refine.pdbx_stereochem_target_val_spec_case     ? 
_refine.pdbx_R_Free_selection_details            ? 
_refine.pdbx_overall_ESU_R                       ? 
_refine.pdbx_overall_ESU_R_Free                  ? 
_refine.overall_SU_ML                            ? 
_refine.overall_SU_B                             ? 
_refine.pdbx_refine_id                           'X-RAY DIFFRACTION' 
_refine.pdbx_diffrn_id                           1 
_refine.pdbx_TLS_residual_ADP_flag               ? 
_refine.correlation_coeff_Fo_to_Fc               ? 
_refine.correlation_coeff_Fo_to_Fc_free          ? 
_refine.pdbx_solvent_vdw_probe_radii             ? 
_refine.pdbx_solvent_ion_probe_radii             ? 
_refine.pdbx_solvent_shrinkage_radii             ? 
_refine.pdbx_overall_phase_error                 ? 
_refine.overall_SU_R_Cruickshank_DPI             ? 
_refine.pdbx_overall_SU_R_free_Cruickshank_DPI   ? 
_refine.pdbx_overall_SU_R_Blow_DPI               ? 
_refine.pdbx_overall_SU_R_free_Blow_DPI          ? 
# 
_refine_hist.pdbx_refine_id                   'X-RAY DIFFRACTION' 
_refine_hist.cycle_id                         LAST 
_refine_hist.pdbx_number_atoms_protein        0 
_refine_hist.pdbx_number_atoms_nucleic_acid   404 
_refine_hist.pdbx_number_atoms_ligand         38 
_refine_hist.number_atoms_solvent             82 
_refine_hist.number_atoms_total               524 
_refine_hist.d_res_high                       1.700 
_refine_hist.d_res_low                        8.000 
# 
loop_
_refine_ls_restr.type 
_refine_ls_restr.dev_ideal 
_refine_ls_restr.dev_ideal_target 
_refine_ls_restr.weight 
_refine_ls_restr.number 
_refine_ls_restr.pdbx_refine_id 
_refine_ls_restr.pdbx_restraint_function 
n_bond_d               ?     ?     ? ? 'X-RAY DIFFRACTION' ? 
n_angle_d              ?     ?     ? ? 'X-RAY DIFFRACTION' ? 
n_planar_d             ?     ?     ? ? 'X-RAY DIFFRACTION' ? 
n_hb_or_metal_coord    ?     ?     ? ? 'X-RAY DIFFRACTION' ? 
n_sugar_bond_it        3.632 6.000 ? ? 'X-RAY DIFFRACTION' ? 
n_sugar_angle_it       4.141 6.000 ? ? 'X-RAY DIFFRACTION' ? 
n_phos_bond_it         4.587 6.000 ? ? 'X-RAY DIFFRACTION' ? 
n_phos_angle_it        5.106 6.000 ? ? 'X-RAY DIFFRACTION' ? 
n_bond_angle_restr     ?     ?     ? ? 'X-RAY DIFFRACTION' ? 
n_dihedral_angle_restr ?     ?     ? ? 'X-RAY DIFFRACTION' ? 
n_impr_tor             ?     ?     ? ? 'X-RAY DIFFRACTION' ? 
n_sugar_bond_d         0.021 0.025 ? ? 'X-RAY DIFFRACTION' ? 
n_sugar_bond_angle_d   0.036 0.035 ? ? 'X-RAY DIFFRACTION' ? 
n_phos_bond_d          0.037 0.025 ? ? 'X-RAY DIFFRACTION' ? 
n_phos_bond_angle_d    0.045 0.035 ? ? 'X-RAY DIFFRACTION' ? 
n_plane_restr          0.021 0.020 ? ? 'X-RAY DIFFRACTION' ? 
n_chiral_restr         0.166 0.150 ? ? 'X-RAY DIFFRACTION' ? 
n_singtor_nbd          0.087 0.100 ? ? 'X-RAY DIFFRACTION' ? 
n_multtor_nbd          0.103 0.100 ? ? 'X-RAY DIFFRACTION' ? 
n_xhyhbond_nbd         ?     ?     ? ? 'X-RAY DIFFRACTION' ? 
# 
_struct.entry_id                  196D 
_struct.title                     
'CRYSTAL STRUCTURE OF C-T-C-T-C-G-A-G-A-G: IMPLICATIONS FOR THE STRUCTURE OF THE HOLLIDAY JUNCTION' 
_struct.pdbx_model_details        ? 
_struct.pdbx_CASP_flag            ? 
_struct.pdbx_model_type_details   ? 
# 
_struct_keywords.entry_id        196D 
_struct_keywords.pdbx_keywords   DNA 
_struct_keywords.text            'B-DNA, DOUBLE HELIX, DNA' 
# 
loop_
_struct_asym.id 
_struct_asym.pdbx_blank_PDB_chainid_flag 
_struct_asym.pdbx_modified 
_struct_asym.entity_id 
_struct_asym.details 
A N N 1 ? 
B N N 1 ? 
C N N 2 ? 
D N N 2 ? 
E N N 2 ? 
F N N 2 ? 
G N N 2 ? 
H N N 2 ? 
I N N 3 ? 
J N N 3 ? 
# 
_struct_ref.id                         1 
_struct_ref.entity_id                  1 
_struct_ref.db_name                    PDB 
_struct_ref.db_code                    196D 
_struct_ref.pdbx_db_accession          196D 
_struct_ref.pdbx_db_isoform            ? 
_struct_ref.pdbx_seq_one_letter_code   ? 
_struct_ref.pdbx_align_begin           ? 
# 
loop_
_struct_ref_seq.align_id 
_struct_ref_seq.ref_id 
_struct_ref_seq.pdbx_PDB_id_code 
_struct_ref_seq.pdbx_strand_id 
_struct_ref_seq.seq_align_beg 
_struct_ref_seq.pdbx_seq_align_beg_ins_code 
_struct_ref_seq.seq_align_end 
_struct_ref_seq.pdbx_seq_align_end_ins_code 
_struct_ref_seq.pdbx_db_accession 
_struct_ref_seq.db_align_beg 
_struct_ref_seq.pdbx_db_align_beg_ins_code 
_struct_ref_seq.db_align_end 
_struct_ref_seq.pdbx_db_align_end_ins_code 
_struct_ref_seq.pdbx_auth_seq_align_beg 
_struct_ref_seq.pdbx_auth_seq_align_end 
1 1 196D A 1 ? 10 ? 196D 1  ? 10 ? 1  10 
2 1 196D B 1 ? 10 ? 196D 11 ? 20 ? 11 20 
# 
_pdbx_struct_assembly.id                   1 
_pdbx_struct_assembly.details              author_defined_assembly 
_pdbx_struct_assembly.method_details       ? 
_pdbx_struct_assembly.oligomeric_details   dimeric 
_pdbx_struct_assembly.oligomeric_count     2 
# 
_pdbx_struct_assembly_gen.assembly_id       1 
_pdbx_struct_assembly_gen.oper_expression   1 
_pdbx_struct_assembly_gen.asym_id_list      A,B,C,D,E,F,G,H,I,J 
# 
_pdbx_struct_oper_list.id                   1 
_pdbx_struct_oper_list.type                 'identity operation' 
_pdbx_struct_oper_list.name                 1_555 
_pdbx_struct_oper_list.symmetry_operation   x,y,z 
_pdbx_struct_oper_list.matrix[1][1]         1.0000000000 
_pdbx_struct_oper_list.matrix[1][2]         0.0000000000 
_pdbx_struct_oper_list.matrix[1][3]         0.0000000000 
_pdbx_struct_oper_list.vector[1]            0.0000000000 
_pdbx_struct_oper_list.matrix[2][1]         0.0000000000 
_pdbx_struct_oper_list.matrix[2][2]         1.0000000000 
_pdbx_struct_oper_list.matrix[2][3]         0.0000000000 
_pdbx_struct_oper_list.vector[2]            0.0000000000 
_pdbx_struct_oper_list.matrix[3][1]         0.0000000000 
_pdbx_struct_oper_list.matrix[3][2]         0.0000000000 
_pdbx_struct_oper_list.matrix[3][3]         1.0000000000 
_pdbx_struct_oper_list.vector[3]            0.0000000000 
# 
_struct_biol.id   1 
# 
loop_
_struct_conn.id 
_struct_conn.conn_type_id 
_struct_conn.pdbx_leaving_atom_flag 
_struct_conn.pdbx_PDB_id 
_struct_conn.ptnr1_label_asym_id 
_struct_conn.ptnr1_label_comp_id 
_struct_conn.ptnr1_label_seq_id 
_struct_conn.ptnr1_label_atom_id 
_struct_conn.pdbx_ptnr1_label_alt_id 
_struct_conn.pdbx_ptnr1_PDB_ins_code 
_struct_conn.pdbx_ptnr1_standard_comp_id 
_struct_conn.ptnr1_symmetry 
_struct_conn.ptnr2_label_asym_id 
_struct_conn.ptnr2_label_comp_id 
_struct_conn.ptnr2_label_seq_id 
_struct_conn.ptnr2_label_atom_id 
_struct_conn.pdbx_ptnr2_label_alt_id 
_struct_conn.pdbx_ptnr2_PDB_ins_code 
_struct_conn.ptnr1_auth_asym_id 
_struct_conn.ptnr1_auth_comp_id 
_struct_conn.ptnr1_auth_seq_id 
_struct_conn.ptnr2_auth_asym_id 
_struct_conn.ptnr2_auth_comp_id 
_struct_conn.ptnr2_auth_seq_id 
_struct_conn.ptnr2_symmetry 
_struct_conn.pdbx_ptnr3_label_atom_id 
_struct_conn.pdbx_ptnr3_label_seq_id 
_struct_conn.pdbx_ptnr3_label_comp_id 
_struct_conn.pdbx_ptnr3_label_asym_id 
_struct_conn.pdbx_ptnr3_label_alt_id 
_struct_conn.pdbx_ptnr3_PDB_ins_code 
_struct_conn.details 
_struct_conn.pdbx_dist_value 
_struct_conn.pdbx_value_order 
_struct_conn.pdbx_role 
metalc1  metalc ? ? A DC  5  OP2 ? ? ? 1_555 D CA  .  CA ? ? A DC  5   A CA  22  1_555 ? ? ? ? ? ? ?            2.416 ? ? 
metalc2  metalc ? ? C CA  .  CA  ? ? ? 1_555 I HOH .  O  ? ? A CA  21  A HOH 111 1_555 ? ? ? ? ? ? ?            2.435 ? ? 
metalc3  metalc ? ? C CA  .  CA  ? ? ? 1_555 I HOH .  O  ? ? A CA  21  A HOH 112 1_555 ? ? ? ? ? ? ?            2.491 ? ? 
metalc4  metalc ? ? C CA  .  CA  ? ? ? 1_555 I HOH .  O  ? ? A CA  21  A HOH 113 1_555 ? ? ? ? ? ? ?            2.481 ? ? 
metalc5  metalc ? ? C CA  .  CA  ? ? ? 1_555 J HOH .  O  ? ? A CA  21  B HOH 109 1_555 ? ? ? ? ? ? ?            2.511 ? ? 
metalc6  metalc ? ? C CA  .  CA  ? ? ? 1_555 J HOH .  O  ? ? A CA  21  B HOH 110 1_555 ? ? ? ? ? ? ?            2.471 ? ? 
metalc7  metalc ? ? C CA  .  CA  ? ? ? 1_555 J HOH .  O  ? ? A CA  21  B HOH 114 1_555 ? ? ? ? ? ? ?            2.488 ? ? 
metalc8  metalc ? ? C CA  .  CA  ? ? ? 1_555 J HOH .  O  ? ? A CA  21  B HOH 115 1_555 ? ? ? ? ? ? ?            2.436 ? ? 
metalc9  metalc ? ? D CA  .  CA  ? ? ? 1_555 I HOH .  O  ? ? A CA  22  A HOH 116 1_555 ? ? ? ? ? ? ?            2.403 ? ? 
metalc10 metalc ? ? D CA  .  CA  ? ? ? 1_555 I HOH .  O  ? ? A CA  22  A HOH 117 1_555 ? ? ? ? ? ? ?            2.404 ? ? 
metalc11 metalc ? ? D CA  .  CA  ? ? ? 1_555 I HOH .  O  ? ? A CA  22  A HOH 118 1_555 ? ? ? ? ? ? ?            2.550 ? ? 
metalc12 metalc ? ? D CA  .  CA  ? ? ? 1_555 I HOH .  O  ? ? A CA  22  A HOH 119 1_555 ? ? ? ? ? ? ?            2.454 ? ? 
metalc13 metalc ? ? D CA  .  CA  ? ? ? 1_555 I HOH .  O  ? ? A CA  22  A HOH 120 1_555 ? ? ? ? ? ? ?            2.350 ? ? 
metalc14 metalc ? ? E CA  .  CA  ? ? ? 1_555 I HOH .  O  ? ? A CA  24  A HOH 124 1_555 ? ? ? ? ? ? ?            2.537 ? ? 
metalc15 metalc ? ? E CA  .  CA  ? ? ? 1_555 I HOH .  O  ? ? A CA  24  A HOH 126 1_555 ? ? ? ? ? ? ?            2.519 ? ? 
metalc16 metalc ? ? E CA  .  CA  ? ? ? 1_555 I HOH .  O  ? ? A CA  24  A HOH 127 1_555 ? ? ? ? ? ? ?            2.354 ? ? 
metalc17 metalc ? ? E CA  .  CA  ? ? ? 1_555 J HOH .  O  ? ? A CA  24  B HOH 125 1_555 ? ? ? ? ? ? ?            2.342 ? ? 
metalc18 metalc ? ? E CA  .  CA  ? ? ? 1_555 J HOH .  O  ? ? A CA  24  B HOH 128 1_555 ? ? ? ? ? ? ?            2.364 ? ? 
metalc19 metalc ? ? I HOH .  O   ? ? ? 1_555 G CA  .  CA ? ? A HOH 131 B CA  25  1_555 ? ? ? ? ? ? ?            2.479 ? ? 
metalc20 metalc ? ? I HOH .  O   ? ? ? 1_555 G CA  .  CA ? ? A HOH 134 B CA  25  1_555 ? ? ? ? ? ? ?            2.416 ? ? 
metalc21 metalc ? ? B DG  6  OP1 ? ? ? 1_555 F CA  .  CA ? ? B DG  16  B CA  23  1_555 ? ? ? ? ? ? ?            2.591 ? ? 
metalc22 metalc ? ? F CA  .  CA  ? ? ? 1_555 J HOH .  O  ? ? B CA  23  B HOH 121 1_555 ? ? ? ? ? ? ?            2.344 ? ? 
metalc23 metalc ? ? F CA  .  CA  ? ? ? 1_555 J HOH .  O  ? ? B CA  23  B HOH 122 1_555 ? ? ? ? ? ? ?            2.396 ? ? 
metalc24 metalc ? ? F CA  .  CA  ? ? ? 1_555 J HOH .  O  ? ? B CA  23  B HOH 123 1_555 ? ? ? ? ? ? ?            2.522 ? ? 
metalc25 metalc ? ? G CA  .  CA  ? ? ? 1_555 J HOH .  O  ? ? B CA  25  B HOH 129 1_555 ? ? ? ? ? ? ?            2.395 ? ? 
metalc26 metalc ? ? G CA  .  CA  ? ? ? 1_555 J HOH .  O  ? ? B CA  25  B HOH 130 1_555 ? ? ? ? ? ? ?            2.515 ? ? 
metalc27 metalc ? ? G CA  .  CA  ? ? ? 1_555 J HOH .  O  ? ? B CA  25  B HOH 132 1_555 ? ? ? ? ? ? ?            2.431 ? ? 
metalc28 metalc ? ? G CA  .  CA  ? ? ? 1_555 J HOH .  O  ? ? B CA  25  B HOH 133 1_555 ? ? ? ? ? ? ?            2.416 ? ? 
metalc29 metalc ? ? H CA  .  CA  ? ? ? 1_555 J HOH .  O  ? ? B CA  26  B HOH 135 1_555 ? ? ? ? ? ? ?            2.523 ? ? 
metalc30 metalc ? ? H CA  .  CA  ? ? ? 1_555 J HOH .  O  ? ? B CA  26  B HOH 136 1_555 ? ? ? ? ? ? ?            2.404 ? ? 
metalc31 metalc ? ? H CA  .  CA  ? ? ? 1_555 J HOH .  O  ? ? B CA  26  B HOH 137 1_555 ? ? ? ? ? ? ?            2.488 ? ? 
metalc32 metalc ? ? H CA  .  CA  ? ? ? 1_555 J HOH .  O  ? ? B CA  26  B HOH 138 1_555 ? ? ? ? ? ? ?            2.511 ? ? 
metalc33 metalc ? ? H CA  .  CA  ? ? ? 1_555 J HOH .  O  ? ? B CA  26  B HOH 139 1_555 ? ? ? ? ? ? ?            2.538 ? ? 
metalc34 metalc ? ? H CA  .  CA  ? ? ? 1_555 J HOH .  O  ? ? B CA  26  B HOH 140 1_555 ? ? ? ? ? ? ?            2.431 ? ? 
hydrog1  hydrog ? ? A DC  1  N3  ? ? ? 1_555 B DG  10 N1 ? ? A DC  1   B DG  20  1_555 ? ? ? ? ? ? WATSON-CRICK ?     ? ? 
hydrog2  hydrog ? ? A DC  1  N4  ? ? ? 1_555 B DG  10 O6 ? ? A DC  1   B DG  20  1_555 ? ? ? ? ? ? WATSON-CRICK ?     ? ? 
hydrog3  hydrog ? ? A DC  1  O2  ? ? ? 1_555 B DG  10 N2 ? ? A DC  1   B DG  20  1_555 ? ? ? ? ? ? WATSON-CRICK ?     ? ? 
hydrog4  hydrog ? ? A DT  2  N3  ? ? ? 1_555 B DA  9  N1 ? ? A DT  2   B DA  19  1_555 ? ? ? ? ? ? WATSON-CRICK ?     ? ? 
hydrog5  hydrog ? ? A DT  2  O4  ? ? ? 1_555 B DA  9  N6 ? ? A DT  2   B DA  19  1_555 ? ? ? ? ? ? WATSON-CRICK ?     ? ? 
hydrog6  hydrog ? ? A DC  3  N3  ? ? ? 1_555 B DG  8  N1 ? ? A DC  3   B DG  18  1_555 ? ? ? ? ? ? WATSON-CRICK ?     ? ? 
hydrog7  hydrog ? ? A DC  3  N4  ? ? ? 1_555 B DG  8  O6 ? ? A DC  3   B DG  18  1_555 ? ? ? ? ? ? WATSON-CRICK ?     ? ? 
hydrog8  hydrog ? ? A DC  3  O2  ? ? ? 1_555 B DG  8  N2 ? ? A DC  3   B DG  18  1_555 ? ? ? ? ? ? WATSON-CRICK ?     ? ? 
hydrog9  hydrog ? ? A DT  4  N3  ? ? ? 1_555 B DA  7  N1 ? ? A DT  4   B DA  17  1_555 ? ? ? ? ? ? WATSON-CRICK ?     ? ? 
hydrog10 hydrog ? ? A DT  4  O4  ? ? ? 1_555 B DA  7  N6 ? ? A DT  4   B DA  17  1_555 ? ? ? ? ? ? WATSON-CRICK ?     ? ? 
hydrog11 hydrog ? ? A DC  5  N3  ? ? ? 1_555 B DG  6  N1 ? ? A DC  5   B DG  16  1_555 ? ? ? ? ? ? WATSON-CRICK ?     ? ? 
hydrog12 hydrog ? ? A DC  5  N4  ? ? ? 1_555 B DG  6  O6 ? ? A DC  5   B DG  16  1_555 ? ? ? ? ? ? WATSON-CRICK ?     ? ? 
hydrog13 hydrog ? ? A DC  5  O2  ? ? ? 1_555 B DG  6  N2 ? ? A DC  5   B DG  16  1_555 ? ? ? ? ? ? WATSON-CRICK ?     ? ? 
hydrog14 hydrog ? ? A DG  6  N1  ? ? ? 1_555 B DC  5  N3 ? ? A DG  6   B DC  15  1_555 ? ? ? ? ? ? WATSON-CRICK ?     ? ? 
hydrog15 hydrog ? ? A DG  6  N2  ? ? ? 1_555 B DC  5  O2 ? ? A DG  6   B DC  15  1_555 ? ? ? ? ? ? WATSON-CRICK ?     ? ? 
hydrog16 hydrog ? ? A DG  6  O6  ? ? ? 1_555 B DC  5  N4 ? ? A DG  6   B DC  15  1_555 ? ? ? ? ? ? WATSON-CRICK ?     ? ? 
hydrog17 hydrog ? ? A DA  7  N1  ? ? ? 1_555 B DT  4  N3 ? ? A DA  7   B DT  14  1_555 ? ? ? ? ? ? WATSON-CRICK ?     ? ? 
hydrog18 hydrog ? ? A DA  7  N6  ? ? ? 1_555 B DT  4  O4 ? ? A DA  7   B DT  14  1_555 ? ? ? ? ? ? WATSON-CRICK ?     ? ? 
hydrog19 hydrog ? ? A DG  8  N1  ? ? ? 1_555 B DC  3  N3 ? ? A DG  8   B DC  13  1_555 ? ? ? ? ? ? WATSON-CRICK ?     ? ? 
hydrog20 hydrog ? ? A DG  8  N2  ? ? ? 1_555 B DC  3  O2 ? ? A DG  8   B DC  13  1_555 ? ? ? ? ? ? WATSON-CRICK ?     ? ? 
hydrog21 hydrog ? ? A DG  8  O6  ? ? ? 1_555 B DC  3  N4 ? ? A DG  8   B DC  13  1_555 ? ? ? ? ? ? WATSON-CRICK ?     ? ? 
hydrog22 hydrog ? ? A DA  9  N1  ? ? ? 1_555 B DT  2  N3 ? ? A DA  9   B DT  12  1_555 ? ? ? ? ? ? WATSON-CRICK ?     ? ? 
hydrog23 hydrog ? ? A DA  9  N6  ? ? ? 1_555 B DT  2  O4 ? ? A DA  9   B DT  12  1_555 ? ? ? ? ? ? WATSON-CRICK ?     ? ? 
hydrog24 hydrog ? ? A DG  10 N1  ? ? ? 1_555 B DC  1  N3 ? ? A DG  10  B DC  11  1_555 ? ? ? ? ? ? WATSON-CRICK ?     ? ? 
hydrog25 hydrog ? ? A DG  10 N2  ? ? ? 1_555 B DC  1  O2 ? ? A DG  10  B DC  11  1_555 ? ? ? ? ? ? WATSON-CRICK ?     ? ? 
hydrog26 hydrog ? ? A DG  10 O6  ? ? ? 1_555 B DC  1  N4 ? ? A DG  10  B DC  11  1_555 ? ? ? ? ? ? WATSON-CRICK ?     ? ? 
# 
loop_
_struct_conn_type.id 
_struct_conn_type.criteria 
_struct_conn_type.reference 
metalc ? ? 
hydrog ? ? 
# 
loop_
_pdbx_struct_conn_angle.id 
_pdbx_struct_conn_angle.ptnr1_label_atom_id 
_pdbx_struct_conn_angle.ptnr1_label_alt_id 
_pdbx_struct_conn_angle.ptnr1_label_asym_id 
_pdbx_struct_conn_angle.ptnr1_label_comp_id 
_pdbx_struct_conn_angle.ptnr1_label_seq_id 
_pdbx_struct_conn_angle.ptnr1_auth_atom_id 
_pdbx_struct_conn_angle.ptnr1_auth_asym_id 
_pdbx_struct_conn_angle.ptnr1_auth_comp_id 
_pdbx_struct_conn_angle.ptnr1_auth_seq_id 
_pdbx_struct_conn_angle.ptnr1_PDB_ins_code 
_pdbx_struct_conn_angle.ptnr1_symmetry 
_pdbx_struct_conn_angle.ptnr2_label_atom_id 
_pdbx_struct_conn_angle.ptnr2_label_alt_id 
_pdbx_struct_conn_angle.ptnr2_label_asym_id 
_pdbx_struct_conn_angle.ptnr2_label_comp_id 
_pdbx_struct_conn_angle.ptnr2_label_seq_id 
_pdbx_struct_conn_angle.ptnr2_auth_atom_id 
_pdbx_struct_conn_angle.ptnr2_auth_asym_id 
_pdbx_struct_conn_angle.ptnr2_auth_comp_id 
_pdbx_struct_conn_angle.ptnr2_auth_seq_id 
_pdbx_struct_conn_angle.ptnr2_PDB_ins_code 
_pdbx_struct_conn_angle.ptnr2_symmetry 
_pdbx_struct_conn_angle.ptnr3_label_atom_id 
_pdbx_struct_conn_angle.ptnr3_label_alt_id 
_pdbx_struct_conn_angle.ptnr3_label_asym_id 
_pdbx_struct_conn_angle.ptnr3_label_comp_id 
_pdbx_struct_conn_angle.ptnr3_label_seq_id 
_pdbx_struct_conn_angle.ptnr3_auth_atom_id 
_pdbx_struct_conn_angle.ptnr3_auth_asym_id 
_pdbx_struct_conn_angle.ptnr3_auth_comp_id 
_pdbx_struct_conn_angle.ptnr3_auth_seq_id 
_pdbx_struct_conn_angle.ptnr3_PDB_ins_code 
_pdbx_struct_conn_angle.ptnr3_symmetry 
_pdbx_struct_conn_angle.value 
_pdbx_struct_conn_angle.value_esd 
1  OP2 ? A DC  5 ? A DC  5   ? 1_555 CA ? D CA . ? A CA 22 ? 1_555 O ? I HOH . ? A HOH 116 ? 1_555 84.4  ? 
2  OP2 ? A DC  5 ? A DC  5   ? 1_555 CA ? D CA . ? A CA 22 ? 1_555 O ? I HOH . ? A HOH 117 ? 1_555 97.1  ? 
3  O   ? I HOH . ? A HOH 116 ? 1_555 CA ? D CA . ? A CA 22 ? 1_555 O ? I HOH . ? A HOH 117 ? 1_555 70.2  ? 
4  OP2 ? A DC  5 ? A DC  5   ? 1_555 CA ? D CA . ? A CA 22 ? 1_555 O ? I HOH . ? A HOH 118 ? 1_555 90.1  ? 
5  O   ? I HOH . ? A HOH 116 ? 1_555 CA ? D CA . ? A CA 22 ? 1_555 O ? I HOH . ? A HOH 118 ? 1_555 72.2  ? 
6  O   ? I HOH . ? A HOH 117 ? 1_555 CA ? D CA . ? A CA 22 ? 1_555 O ? I HOH . ? A HOH 118 ? 1_555 140.8 ? 
7  OP2 ? A DC  5 ? A DC  5   ? 1_555 CA ? D CA . ? A CA 22 ? 1_555 O ? I HOH . ? A HOH 119 ? 1_555 88.7  ? 
8  O   ? I HOH . ? A HOH 116 ? 1_555 CA ? D CA . ? A CA 22 ? 1_555 O ? I HOH . ? A HOH 119 ? 1_555 144.5 ? 
9  O   ? I HOH . ? A HOH 117 ? 1_555 CA ? D CA . ? A CA 22 ? 1_555 O ? I HOH . ? A HOH 119 ? 1_555 76.3  ? 
10 O   ? I HOH . ? A HOH 118 ? 1_555 CA ? D CA . ? A CA 22 ? 1_555 O ? I HOH . ? A HOH 119 ? 1_555 142.7 ? 
11 OP2 ? A DC  5 ? A DC  5   ? 1_555 CA ? D CA . ? A CA 22 ? 1_555 O ? I HOH . ? A HOH 120 ? 1_555 77.2  ? 
12 O   ? I HOH . ? A HOH 116 ? 1_555 CA ? D CA . ? A CA 22 ? 1_555 O ? I HOH . ? A HOH 120 ? 1_555 138.1 ? 
13 O   ? I HOH . ? A HOH 117 ? 1_555 CA ? D CA . ? A CA 22 ? 1_555 O ? I HOH . ? A HOH 120 ? 1_555 148.7 ? 
14 O   ? I HOH . ? A HOH 118 ? 1_555 CA ? D CA . ? A CA 22 ? 1_555 O ? I HOH . ? A HOH 120 ? 1_555 70.5  ? 
15 O   ? I HOH . ? A HOH 119 ? 1_555 CA ? D CA . ? A CA 22 ? 1_555 O ? I HOH . ? A HOH 120 ? 1_555 72.8  ? 
16 O   ? I HOH . ? A HOH 111 ? 1_555 CA ? C CA . ? A CA 21 ? 1_555 O ? I HOH . ? A HOH 112 ? 1_555 75.3  ? 
17 O   ? I HOH . ? A HOH 111 ? 1_555 CA ? C CA . ? A CA 21 ? 1_555 O ? I HOH . ? A HOH 113 ? 1_555 90.6  ? 
18 O   ? I HOH . ? A HOH 112 ? 1_555 CA ? C CA . ? A CA 21 ? 1_555 O ? I HOH . ? A HOH 113 ? 1_555 83.3  ? 
19 O   ? I HOH . ? A HOH 111 ? 1_555 CA ? C CA . ? A CA 21 ? 1_555 O ? J HOH . ? B HOH 109 ? 1_555 74.1  ? 
20 O   ? I HOH . ? A HOH 112 ? 1_555 CA ? C CA . ? A CA 21 ? 1_555 O ? J HOH . ? B HOH 109 ? 1_555 122.7 ? 
21 O   ? I HOH . ? A HOH 113 ? 1_555 CA ? C CA . ? A CA 21 ? 1_555 O ? J HOH . ? B HOH 109 ? 1_555 143.3 ? 
22 O   ? I HOH . ? A HOH 111 ? 1_555 CA ? C CA . ? A CA 21 ? 1_555 O ? J HOH . ? B HOH 110 ? 1_555 136.5 ? 
23 O   ? I HOH . ? A HOH 112 ? 1_555 CA ? C CA . ? A CA 21 ? 1_555 O ? J HOH . ? B HOH 110 ? 1_555 147.8 ? 
24 O   ? I HOH . ? A HOH 113 ? 1_555 CA ? C CA . ? A CA 21 ? 1_555 O ? J HOH . ? B HOH 110 ? 1_555 90.4  ? 
25 O   ? J HOH . ? B HOH 109 ? 1_555 CA ? C CA . ? A CA 21 ? 1_555 O ? J HOH . ? B HOH 110 ? 1_555 79.6  ? 
26 O   ? I HOH . ? A HOH 111 ? 1_555 CA ? C CA . ? A CA 21 ? 1_555 O ? J HOH . ? B HOH 114 ? 1_555 148.5 ? 
27 O   ? I HOH . ? A HOH 112 ? 1_555 CA ? C CA . ? A CA 21 ? 1_555 O ? J HOH . ? B HOH 114 ? 1_555 74.6  ? 
28 O   ? I HOH . ? A HOH 113 ? 1_555 CA ? C CA . ? A CA 21 ? 1_555 O ? J HOH . ? B HOH 114 ? 1_555 77.0  ? 
29 O   ? J HOH . ? B HOH 109 ? 1_555 CA ? C CA . ? A CA 21 ? 1_555 O ? J HOH . ? B HOH 114 ? 1_555 131.4 ? 
30 O   ? J HOH . ? B HOH 110 ? 1_555 CA ? C CA . ? A CA 21 ? 1_555 O ? J HOH . ? B HOH 114 ? 1_555 73.2  ? 
31 O   ? I HOH . ? A HOH 111 ? 1_555 CA ? C CA . ? A CA 21 ? 1_555 O ? J HOH . ? B HOH 115 ? 1_555 105.7 ? 
32 O   ? I HOH . ? A HOH 112 ? 1_555 CA ? C CA . ? A CA 21 ? 1_555 O ? J HOH . ? B HOH 115 ? 1_555 75.2  ? 
33 O   ? I HOH . ? A HOH 113 ? 1_555 CA ? C CA . ? A CA 21 ? 1_555 O ? J HOH . ? B HOH 115 ? 1_555 148.4 ? 
34 O   ? J HOH . ? B HOH 109 ? 1_555 CA ? C CA . ? A CA 21 ? 1_555 O ? J HOH . ? B HOH 115 ? 1_555 68.3  ? 
35 O   ? J HOH . ? B HOH 110 ? 1_555 CA ? C CA . ? A CA 21 ? 1_555 O ? J HOH . ? B HOH 115 ? 1_555 95.5  ? 
36 O   ? J HOH . ? B HOH 114 ? 1_555 CA ? C CA . ? A CA 21 ? 1_555 O ? J HOH . ? B HOH 115 ? 1_555 75.1  ? 
37 O   ? I HOH . ? A HOH 124 ? 1_555 CA ? E CA . ? A CA 24 ? 1_555 O ? I HOH . ? A HOH 126 ? 1_555 71.2  ? 
38 O   ? I HOH . ? A HOH 124 ? 1_555 CA ? E CA . ? A CA 24 ? 1_555 O ? I HOH . ? A HOH 127 ? 1_555 85.0  ? 
39 O   ? I HOH . ? A HOH 126 ? 1_555 CA ? E CA . ? A CA 24 ? 1_555 O ? I HOH . ? A HOH 127 ? 1_555 150.6 ? 
40 O   ? I HOH . ? A HOH 124 ? 1_555 CA ? E CA . ? A CA 24 ? 1_555 O ? J HOH . ? B HOH 125 ? 1_555 97.5  ? 
41 O   ? I HOH . ? A HOH 126 ? 1_555 CA ? E CA . ? A CA 24 ? 1_555 O ? J HOH . ? B HOH 125 ? 1_555 84.1  ? 
42 O   ? I HOH . ? A HOH 127 ? 1_555 CA ? E CA . ? A CA 24 ? 1_555 O ? J HOH . ? B HOH 125 ? 1_555 82.1  ? 
43 O   ? I HOH . ? A HOH 124 ? 1_555 CA ? E CA . ? A CA 24 ? 1_555 O ? J HOH . ? B HOH 128 ? 1_555 152.5 ? 
44 O   ? I HOH . ? A HOH 126 ? 1_555 CA ? E CA . ? A CA 24 ? 1_555 O ? J HOH . ? B HOH 128 ? 1_555 128.0 ? 
45 O   ? I HOH . ? A HOH 127 ? 1_555 CA ? E CA . ? A CA 24 ? 1_555 O ? J HOH . ? B HOH 128 ? 1_555 69.9  ? 
46 O   ? J HOH . ? B HOH 125 ? 1_555 CA ? E CA . ? A CA 24 ? 1_555 O ? J HOH . ? B HOH 128 ? 1_555 68.9  ? 
47 O   ? I HOH . ? A HOH 131 ? 1_555 CA ? G CA . ? B CA 25 ? 1_555 O ? I HOH . ? A HOH 134 ? 1_555 73.3  ? 
48 O   ? I HOH . ? A HOH 131 ? 1_555 CA ? G CA . ? B CA 25 ? 1_555 O ? J HOH . ? B HOH 129 ? 1_555 136.5 ? 
49 O   ? I HOH . ? A HOH 134 ? 1_555 CA ? G CA . ? B CA 25 ? 1_555 O ? J HOH . ? B HOH 129 ? 1_555 98.5  ? 
50 O   ? I HOH . ? A HOH 131 ? 1_555 CA ? G CA . ? B CA 25 ? 1_555 O ? J HOH . ? B HOH 130 ? 1_555 141.7 ? 
51 O   ? I HOH . ? A HOH 134 ? 1_555 CA ? G CA . ? B CA 25 ? 1_555 O ? J HOH . ? B HOH 130 ? 1_555 73.6  ? 
52 O   ? J HOH . ? B HOH 129 ? 1_555 CA ? G CA . ? B CA 25 ? 1_555 O ? J HOH . ? B HOH 130 ? 1_555 67.6  ? 
53 O   ? I HOH . ? A HOH 131 ? 1_555 CA ? G CA . ? B CA 25 ? 1_555 O ? J HOH . ? B HOH 132 ? 1_555 132.1 ? 
54 O   ? I HOH . ? A HOH 134 ? 1_555 CA ? G CA . ? B CA 25 ? 1_555 O ? J HOH . ? B HOH 132 ? 1_555 150.5 ? 
55 O   ? J HOH . ? B HOH 129 ? 1_555 CA ? G CA . ? B CA 25 ? 1_555 O ? J HOH . ? B HOH 132 ? 1_555 73.3  ? 
56 O   ? J HOH . ? B HOH 130 ? 1_555 CA ? G CA . ? B CA 25 ? 1_555 O ? J HOH . ? B HOH 132 ? 1_555 77.1  ? 
57 O   ? I HOH . ? A HOH 131 ? 1_555 CA ? G CA . ? B CA 25 ? 1_555 O ? J HOH . ? B HOH 133 ? 1_555 66.0  ? 
58 O   ? I HOH . ? A HOH 134 ? 1_555 CA ? G CA . ? B CA 25 ? 1_555 O ? J HOH . ? B HOH 133 ? 1_555 67.2  ? 
59 O   ? J HOH . ? B HOH 129 ? 1_555 CA ? G CA . ? B CA 25 ? 1_555 O ? J HOH . ? B HOH 133 ? 1_555 71.4  ? 
60 O   ? J HOH . ? B HOH 130 ? 1_555 CA ? G CA . ? B CA 25 ? 1_555 O ? J HOH . ? B HOH 133 ? 1_555 116.8 ? 
61 O   ? J HOH . ? B HOH 132 ? 1_555 CA ? G CA . ? B CA 25 ? 1_555 O ? J HOH . ? B HOH 133 ? 1_555 131.8 ? 
62 OP1 ? B DG  6 ? B DG  16  ? 1_555 CA ? F CA . ? B CA 23 ? 1_555 O ? J HOH . ? B HOH 121 ? 1_555 105.7 ? 
63 OP1 ? B DG  6 ? B DG  16  ? 1_555 CA ? F CA . ? B CA 23 ? 1_555 O ? J HOH . ? B HOH 122 ? 1_555 96.5  ? 
64 O   ? J HOH . ? B HOH 121 ? 1_555 CA ? F CA . ? B CA 23 ? 1_555 O ? J HOH . ? B HOH 122 ? 1_555 69.4  ? 
65 OP1 ? B DG  6 ? B DG  16  ? 1_555 CA ? F CA . ? B CA 23 ? 1_555 O ? J HOH . ? B HOH 123 ? 1_555 93.5  ? 
66 O   ? J HOH . ? B HOH 121 ? 1_555 CA ? F CA . ? B CA 23 ? 1_555 O ? J HOH . ? B HOH 123 ? 1_555 142.9 ? 
67 O   ? J HOH . ? B HOH 122 ? 1_555 CA ? F CA . ? B CA 23 ? 1_555 O ? J HOH . ? B HOH 123 ? 1_555 77.2  ? 
68 O   ? J HOH . ? B HOH 135 ? 1_555 CA ? H CA . ? B CA 26 ? 1_555 O ? J HOH . ? B HOH 136 ? 1_555 132.4 ? 
69 O   ? J HOH . ? B HOH 135 ? 1_555 CA ? H CA . ? B CA 26 ? 1_555 O ? J HOH . ? B HOH 137 ? 1_555 83.5  ? 
70 O   ? J HOH . ? B HOH 136 ? 1_555 CA ? H CA . ? B CA 26 ? 1_555 O ? J HOH . ? B HOH 137 ? 1_555 144.0 ? 
71 O   ? J HOH . ? B HOH 135 ? 1_555 CA ? H CA . ? B CA 26 ? 1_555 O ? J HOH . ? B HOH 138 ? 1_555 130.1 ? 
72 O   ? J HOH . ? B HOH 136 ? 1_555 CA ? H CA . ? B CA 26 ? 1_555 O ? J HOH . ? B HOH 138 ? 1_555 79.7  ? 
73 O   ? J HOH . ? B HOH 137 ? 1_555 CA ? H CA . ? B CA 26 ? 1_555 O ? J HOH . ? B HOH 138 ? 1_555 76.4  ? 
74 O   ? J HOH . ? B HOH 135 ? 1_555 CA ? H CA . ? B CA 26 ? 1_555 O ? J HOH . ? B HOH 139 ? 1_555 144.1 ? 
75 O   ? J HOH . ? B HOH 136 ? 1_555 CA ? H CA . ? B CA 26 ? 1_555 O ? J HOH . ? B HOH 139 ? 1_555 74.0  ? 
76 O   ? J HOH . ? B HOH 137 ? 1_555 CA ? H CA . ? B CA 26 ? 1_555 O ? J HOH . ? B HOH 139 ? 1_555 72.9  ? 
77 O   ? J HOH . ? B HOH 138 ? 1_555 CA ? H CA . ? B CA 26 ? 1_555 O ? J HOH . ? B HOH 139 ? 1_555 70.3  ? 
78 O   ? J HOH . ? B HOH 135 ? 1_555 CA ? H CA . ? B CA 26 ? 1_555 O ? J HOH . ? B HOH 140 ? 1_555 77.2  ? 
79 O   ? J HOH . ? B HOH 136 ? 1_555 CA ? H CA . ? B CA 26 ? 1_555 O ? J HOH . ? B HOH 140 ? 1_555 84.5  ? 
80 O   ? J HOH . ? B HOH 137 ? 1_555 CA ? H CA . ? B CA 26 ? 1_555 O ? J HOH . ? B HOH 140 ? 1_555 104.9 ? 
81 O   ? J HOH . ? B HOH 138 ? 1_555 CA ? H CA . ? B CA 26 ? 1_555 O ? J HOH . ? B HOH 140 ? 1_555 152.0 ? 
82 O   ? J HOH . ? B HOH 139 ? 1_555 CA ? H CA . ? B CA 26 ? 1_555 O ? J HOH . ? B HOH 140 ? 1_555 83.2  ? 
# 
loop_
_struct_site.id 
_struct_site.pdbx_evidence_code 
_struct_site.pdbx_auth_asym_id 
_struct_site.pdbx_auth_comp_id 
_struct_site.pdbx_auth_seq_id 
_struct_site.pdbx_auth_ins_code 
_struct_site.pdbx_num_residues 
_struct_site.details 
AC1 Software A CA 21 ? 7 'BINDING SITE FOR RESIDUE CA A 21' 
AC2 Software A CA 22 ? 7 'BINDING SITE FOR RESIDUE CA A 22' 
AC3 Software B CA 23 ? 5 'BINDING SITE FOR RESIDUE CA B 23' 
AC4 Software A CA 24 ? 5 'BINDING SITE FOR RESIDUE CA A 24' 
AC5 Software B CA 25 ? 6 'BINDING SITE FOR RESIDUE CA B 25' 
AC6 Software B CA 26 ? 6 'BINDING SITE FOR RESIDUE CA B 26' 
# 
loop_
_struct_site_gen.id 
_struct_site_gen.site_id 
_struct_site_gen.pdbx_num_res 
_struct_site_gen.label_comp_id 
_struct_site_gen.label_asym_id 
_struct_site_gen.label_seq_id 
_struct_site_gen.pdbx_auth_ins_code 
_struct_site_gen.auth_comp_id 
_struct_site_gen.auth_asym_id 
_struct_site_gen.auth_seq_id 
_struct_site_gen.label_atom_id 
_struct_site_gen.label_alt_id 
_struct_site_gen.symmetry 
_struct_site_gen.details 
1  AC1 7 HOH I . ? HOH A 111 . ? 1_555 ? 
2  AC1 7 HOH I . ? HOH A 112 . ? 1_555 ? 
3  AC1 7 HOH I . ? HOH A 113 . ? 1_555 ? 
4  AC1 7 HOH J . ? HOH B 109 . ? 1_555 ? 
5  AC1 7 HOH J . ? HOH B 110 . ? 1_555 ? 
6  AC1 7 HOH J . ? HOH B 114 . ? 1_555 ? 
7  AC1 7 HOH J . ? HOH B 115 . ? 1_555 ? 
8  AC2 7 DC  A 5 ? DC  A 5   . ? 1_555 ? 
9  AC2 7 DG  A 8 ? DG  A 8   . ? 1_545 ? 
10 AC2 7 HOH I . ? HOH A 116 . ? 1_555 ? 
11 AC2 7 HOH I . ? HOH A 117 . ? 1_555 ? 
12 AC2 7 HOH I . ? HOH A 118 . ? 1_555 ? 
13 AC2 7 HOH I . ? HOH A 119 . ? 1_555 ? 
14 AC2 7 HOH I . ? HOH A 120 . ? 1_555 ? 
15 AC3 5 DC  A 3 ? DC  A 3   . ? 1_565 ? 
16 AC3 5 DG  B 6 ? DG  B 16  . ? 1_555 ? 
17 AC3 5 HOH J . ? HOH B 121 . ? 1_555 ? 
18 AC3 5 HOH J . ? HOH B 122 . ? 1_555 ? 
19 AC3 5 HOH J . ? HOH B 123 . ? 1_555 ? 
20 AC4 5 HOH I . ? HOH A 124 . ? 1_555 ? 
21 AC4 5 HOH I . ? HOH A 126 . ? 1_555 ? 
22 AC4 5 HOH I . ? HOH A 127 . ? 1_555 ? 
23 AC4 5 HOH J . ? HOH B 125 . ? 1_555 ? 
24 AC4 5 HOH J . ? HOH B 128 . ? 1_555 ? 
25 AC5 6 HOH I . ? HOH A 131 . ? 1_555 ? 
26 AC5 6 HOH I . ? HOH A 134 . ? 1_555 ? 
27 AC5 6 HOH J . ? HOH B 129 . ? 1_555 ? 
28 AC5 6 HOH J . ? HOH B 130 . ? 1_555 ? 
29 AC5 6 HOH J . ? HOH B 132 . ? 1_555 ? 
30 AC5 6 HOH J . ? HOH B 133 . ? 1_555 ? 
31 AC6 6 HOH J . ? HOH B 135 . ? 1_555 ? 
32 AC6 6 HOH J . ? HOH B 136 . ? 1_555 ? 
33 AC6 6 HOH J . ? HOH B 137 . ? 1_555 ? 
34 AC6 6 HOH J . ? HOH B 138 . ? 1_555 ? 
35 AC6 6 HOH J . ? HOH B 139 . ? 1_555 ? 
36 AC6 6 HOH J . ? HOH B 140 . ? 1_555 ? 
# 
_pdbx_validate_close_contact.id               1 
_pdbx_validate_close_contact.PDB_model_num    1 
_pdbx_validate_close_contact.auth_atom_id_1   O 
_pdbx_validate_close_contact.auth_asym_id_1   B 
_pdbx_validate_close_contact.auth_comp_id_1   HOH 
_pdbx_validate_close_contact.auth_seq_id_1    61 
_pdbx_validate_close_contact.PDB_ins_code_1   ? 
_pdbx_validate_close_contact.label_alt_id_1   ? 
_pdbx_validate_close_contact.auth_atom_id_2   O 
_pdbx_validate_close_contact.auth_asym_id_2   B 
_pdbx_validate_close_contact.auth_comp_id_2   HOH 
_pdbx_validate_close_contact.auth_seq_id_2    107 
_pdbx_validate_close_contact.PDB_ins_code_2   ? 
_pdbx_validate_close_contact.label_alt_id_2   ? 
_pdbx_validate_close_contact.dist             1.87 
# 
loop_
_pdbx_validate_symm_contact.id 
_pdbx_validate_symm_contact.PDB_model_num 
_pdbx_validate_symm_contact.auth_atom_id_1 
_pdbx_validate_symm_contact.auth_asym_id_1 
_pdbx_validate_symm_contact.auth_comp_id_1 
_pdbx_validate_symm_contact.auth_seq_id_1 
_pdbx_validate_symm_contact.PDB_ins_code_1 
_pdbx_validate_symm_contact.label_alt_id_1 
_pdbx_validate_symm_contact.site_symmetry_1 
_pdbx_validate_symm_contact.auth_atom_id_2 
_pdbx_validate_symm_contact.auth_asym_id_2 
_pdbx_validate_symm_contact.auth_comp_id_2 
_pdbx_validate_symm_contact.auth_seq_id_2 
_pdbx_validate_symm_contact.PDB_ins_code_2 
_pdbx_validate_symm_contact.label_alt_id_2 
_pdbx_validate_symm_contact.site_symmetry_2 
_pdbx_validate_symm_contact.dist 
1 1 OP1   A DT 4  ? ? 1_555 O A HOH 87 ? ? 1_545 1.91 
2 1 "O3'" B DG 20 ? ? 1_555 O B HOH 80 ? ? 4_545 2.03 
3 1 "C3'" B DG 20 ? ? 1_555 O B HOH 80 ? ? 4_545 2.07 
4 1 "C2'" B DG 20 ? ? 1_555 O B HOH 80 ? ? 4_545 2.08 
# 
loop_
_pdbx_validate_rmsd_bond.id 
_pdbx_validate_rmsd_bond.PDB_model_num 
_pdbx_validate_rmsd_bond.auth_atom_id_1 
_pdbx_validate_rmsd_bond.auth_asym_id_1 
_pdbx_validate_rmsd_bond.auth_comp_id_1 
_pdbx_validate_rmsd_bond.auth_seq_id_1 
_pdbx_validate_rmsd_bond.PDB_ins_code_1 
_pdbx_validate_rmsd_bond.label_alt_id_1 
_pdbx_validate_rmsd_bond.auth_atom_id_2 
_pdbx_validate_rmsd_bond.auth_asym_id_2 
_pdbx_validate_rmsd_bond.auth_comp_id_2 
_pdbx_validate_rmsd_bond.auth_seq_id_2 
_pdbx_validate_rmsd_bond.PDB_ins_code_2 
_pdbx_validate_rmsd_bond.label_alt_id_2 
_pdbx_validate_rmsd_bond.bond_value 
_pdbx_validate_rmsd_bond.bond_target_value 
_pdbx_validate_rmsd_bond.bond_deviation 
_pdbx_validate_rmsd_bond.bond_standard_deviation 
_pdbx_validate_rmsd_bond.linker_flag 
1  1 "O3'" A DC 3  ? ? P     A DT 4  ? ? 1.520 1.607 -0.087 0.012 Y 
2  1 "O4'" A DT 4  ? ? "C1'" A DT 4  ? ? 1.535 1.420 0.115  0.011 N 
3  1 "O4'" A DT 4  ? ? "C4'" A DT 4  ? ? 1.367 1.446 -0.079 0.010 N 
4  1 P     A DC 5  ? ? "O5'" A DC 5  ? ? 1.674 1.593 0.081  0.010 N 
5  1 "O4'" A DA 7  ? ? "C4'" A DA 7  ? ? 1.382 1.446 -0.064 0.010 N 
6  1 C5    A DA 9  ? ? N7    A DA 9  ? ? 1.425 1.388 0.037  0.006 N 
7  1 "C2'" B DC 11 ? ? "C1'" B DC 11 ? ? 1.452 1.518 -0.066 0.010 N 
8  1 N3    B DT 14 ? ? C4    B DT 14 ? ? 1.315 1.382 -0.067 0.008 N 
9  1 "O4'" B DC 15 ? ? "C4'" B DC 15 ? ? 1.383 1.446 -0.063 0.010 N 
10 1 "C5'" B DG 16 ? ? "C4'" B DG 16 ? ? 1.440 1.509 -0.069 0.011 N 
11 1 "O4'" B DG 18 ? ? "C4'" B DG 18 ? ? 1.356 1.446 -0.090 0.010 N 
12 1 C6    B DA 19 ? ? N1    B DA 19 ? ? 1.397 1.351 0.046  0.007 N 
13 1 C5    B DA 19 ? ? N7    B DA 19 ? ? 1.350 1.388 -0.038 0.006 N 
14 1 C8    B DA 19 ? ? N9    B DA 19 ? ? 1.312 1.373 -0.061 0.008 N 
# 
loop_
_pdbx_validate_rmsd_angle.id 
_pdbx_validate_rmsd_angle.PDB_model_num 
_pdbx_validate_rmsd_angle.auth_atom_id_1 
_pdbx_validate_rmsd_angle.auth_asym_id_1 
_pdbx_validate_rmsd_angle.auth_comp_id_1 
_pdbx_validate_rmsd_angle.auth_seq_id_1 
_pdbx_validate_rmsd_angle.PDB_ins_code_1 
_pdbx_validate_rmsd_angle.label_alt_id_1 
_pdbx_validate_rmsd_angle.auth_atom_id_2 
_pdbx_validate_rmsd_angle.auth_asym_id_2 
_pdbx_validate_rmsd_angle.auth_comp_id_2 
_pdbx_validate_rmsd_angle.auth_seq_id_2 
_pdbx_validate_rmsd_angle.PDB_ins_code_2 
_pdbx_validate_rmsd_angle.label_alt_id_2 
_pdbx_validate_rmsd_angle.auth_atom_id_3 
_pdbx_validate_rmsd_angle.auth_asym_id_3 
_pdbx_validate_rmsd_angle.auth_comp_id_3 
_pdbx_validate_rmsd_angle.auth_seq_id_3 
_pdbx_validate_rmsd_angle.PDB_ins_code_3 
_pdbx_validate_rmsd_angle.label_alt_id_3 
_pdbx_validate_rmsd_angle.angle_value 
_pdbx_validate_rmsd_angle.angle_target_value 
_pdbx_validate_rmsd_angle.angle_deviation 
_pdbx_validate_rmsd_angle.angle_standard_deviation 
_pdbx_validate_rmsd_angle.linker_flag 
1  1 "O4'" A DC 1  ? ? "C1'" A DC 1  ? ? N1    A DC 1  ? ? 112.49 108.30 4.19   0.30 N 
2  1 "O3'" A DC 1  ? ? P     A DT 2  ? ? OP2   A DT 2  ? ? 117.54 110.50 7.04   1.10 Y 
3  1 C2    A DT 2  ? ? N3    A DT 2  ? ? C4    A DT 2  ? ? 122.69 127.20 -4.51  0.60 N 
4  1 N3    A DT 2  ? ? C4    A DT 2  ? ? O4    A DT 2  ? ? 114.80 119.90 -5.10  0.60 N 
5  1 "O5'" A DC 3  ? ? "C5'" A DC 3  ? ? "C4'" A DC 3  ? ? 104.28 109.40 -5.12  0.80 N 
6  1 C2    A DC 3  ? ? N3    A DC 3  ? ? C4    A DC 3  ? ? 123.47 119.90 3.57   0.50 N 
7  1 N3    A DC 3  ? ? C4    A DC 3  ? ? C5    A DC 3  ? ? 119.33 121.90 -2.57  0.40 N 
8  1 N1    A DC 3  ? ? C2    A DC 3  ? ? O2    A DC 3  ? ? 123.32 118.90 4.42   0.60 N 
9  1 "C3'" A DC 3  ? ? "O3'" A DC 3  ? ? P     A DT 4  ? ? 127.16 119.70 7.46   1.20 Y 
10 1 OP1   A DT 4  ? ? P     A DT 4  ? ? OP2   A DT 4  ? ? 110.09 119.60 -9.51  1.50 N 
11 1 "O5'" A DT 4  ? ? "C5'" A DT 4  ? ? "C4'" A DT 4  ? ? 102.69 109.40 -6.71  0.80 N 
12 1 "O4'" A DT 4  ? ? "C1'" A DT 4  ? ? N1    A DT 4  ? ? 101.11 108.00 -6.89  0.70 N 
13 1 N1    A DT 4  ? ? C2    A DT 4  ? ? N3    A DT 4  ? ? 119.04 114.60 4.44   0.60 N 
14 1 C2    A DT 4  ? ? N3    A DT 4  ? ? C4    A DT 4  ? ? 121.66 127.20 -5.54  0.60 N 
15 1 N3    A DT 4  ? ? C4    A DT 4  ? ? C5    A DT 4  ? ? 119.29 115.20 4.09   0.60 N 
16 1 "C3'" A DT 4  ? ? "O3'" A DT 4  ? ? P     A DC 5  ? ? 131.42 119.70 11.72  1.20 Y 
17 1 "O4'" A DC 5  ? ? "C1'" A DC 5  ? ? "C2'" A DC 5  ? ? 101.06 105.90 -4.84  0.80 N 
18 1 N1    A DC 5  ? ? C2    A DC 5  ? ? O2    A DC 5  ? ? 123.40 118.90 4.50   0.60 N 
19 1 "C3'" A DC 5  ? ? "O3'" A DC 5  ? ? P     A DG 6  ? ? 126.92 119.70 7.22   1.20 Y 
20 1 "O5'" A DG 6  ? ? "C5'" A DG 6  ? ? "C4'" A DG 6  ? ? 104.05 109.40 -5.35  0.80 N 
21 1 "C3'" A DG 6  ? ? "C2'" A DG 6  ? ? "C1'" A DG 6  ? ? 97.07  102.40 -5.33  0.80 N 
22 1 "O4'" A DG 6  ? ? "C1'" A DG 6  ? ? "C2'" A DG 6  ? ? 110.09 106.80 3.29   0.50 N 
23 1 C6    A DG 6  ? ? N1    A DG 6  ? ? C2    A DG 6  ? ? 121.30 125.10 -3.80  0.60 N 
24 1 C5    A DG 6  ? ? C6    A DG 6  ? ? N1    A DG 6  ? ? 114.93 111.50 3.43   0.50 N 
25 1 "C5'" A DA 7  ? ? "C4'" A DA 7  ? ? "O4'" A DA 7  ? ? 118.11 109.80 8.31   1.10 N 
26 1 C6    A DA 7  ? ? N1    A DA 7  ? ? C2    A DA 7  ? ? 123.23 118.60 4.63   0.60 N 
27 1 C5    A DA 7  ? ? C6    A DA 7  ? ? N1    A DA 7  ? ? 113.78 117.70 -3.92  0.50 N 
28 1 N1    A DA 7  ? ? C6    A DA 7  ? ? N6    A DA 7  ? ? 123.10 118.60 4.50   0.60 N 
29 1 "O3'" A DA 7  ? ? P     A DG 8  ? ? OP2   A DG 8  ? ? 117.92 110.50 7.42   1.10 Y 
30 1 "O5'" A DG 8  ? ? "C5'" A DG 8  ? ? "C4'" A DG 8  ? ? 104.26 109.40 -5.14  0.80 N 
31 1 P     A DG 8  ? ? "O5'" A DG 8  ? ? "C5'" A DG 8  ? ? 109.00 120.90 -11.90 1.60 N 
32 1 N1    A DG 8  ? ? C2    A DG 8  ? ? N3    A DG 8  ? ? 127.55 123.90 3.65   0.60 N 
33 1 C2    A DG 8  ? ? N3    A DG 8  ? ? C4    A DG 8  ? ? 108.16 111.90 -3.74  0.50 N 
34 1 C8    A DG 8  ? ? N9    A DG 8  ? ? C4    A DG 8  ? ? 103.91 106.40 -2.49  0.40 N 
35 1 N3    A DG 8  ? ? C2    A DG 8  ? ? N2    A DG 8  ? ? 114.29 119.90 -5.61  0.70 N 
36 1 "O4'" A DA 9  ? ? "C1'" A DA 9  ? ? N9    A DA 9  ? ? 113.85 108.30 5.55   0.30 N 
37 1 N1    A DA 9  ? ? C2    A DA 9  ? ? N3    A DA 9  ? ? 125.45 129.30 -3.85  0.50 N 
38 1 OP1   A DG 10 ? ? P     A DG 10 ? ? OP2   A DG 10 ? ? 129.81 119.60 10.21  1.50 N 
39 1 "O5'" A DG 10 ? ? "C5'" A DG 10 ? ? "C4'" A DG 10 ? ? 101.99 109.40 -7.41  0.80 N 
40 1 "O4'" A DG 10 ? ? "C1'" A DG 10 ? ? N9    A DG 10 ? ? 115.01 108.30 6.71   0.30 N 
41 1 C6    A DG 10 ? ? N1    A DG 10 ? ? C2    A DG 10 ? ? 121.10 125.10 -4.00  0.60 N 
42 1 C5    A DG 10 ? ? C6    A DG 10 ? ? N1    A DG 10 ? ? 115.05 111.50 3.55   0.50 N 
43 1 "O4'" B DC 11 ? ? "C1'" B DC 11 ? ? "C2'" B DC 11 ? ? 110.58 106.80 3.78   0.50 N 
44 1 "O4'" B DC 11 ? ? "C1'" B DC 11 ? ? N1    B DC 11 ? ? 111.43 108.30 3.13   0.30 N 
45 1 "O5'" B DT 12 ? ? "C5'" B DT 12 ? ? "C4'" B DT 12 ? ? 104.28 109.40 -5.12  0.80 N 
46 1 C2    B DT 12 ? ? N3    B DT 12 ? ? C4    B DT 12 ? ? 122.80 127.20 -4.40  0.60 N 
47 1 N3    B DT 12 ? ? C4    B DT 12 ? ? C5    B DT 12 ? ? 119.11 115.20 3.91   0.60 N 
48 1 "O5'" B DC 13 ? ? "C5'" B DC 13 ? ? "C4'" B DC 13 ? ? 101.01 109.40 -8.39  0.80 N 
49 1 "O4'" B DC 13 ? ? "C1'" B DC 13 ? ? N1    B DC 13 ? ? 111.97 108.30 3.67   0.30 N 
50 1 C2    B DC 13 ? ? N3    B DC 13 ? ? C4    B DC 13 ? ? 123.28 119.90 3.38   0.50 N 
51 1 "O4'" B DT 14 ? ? "C1'" B DT 14 ? ? N1    B DT 14 ? ? 110.12 108.30 1.82   0.30 N 
52 1 N1    B DT 14 ? ? C2    B DT 14 ? ? N3    B DT 14 ? ? 118.53 114.60 3.93   0.60 N 
53 1 N1    B DT 14 ? ? C2    B DT 14 ? ? O2    B DT 14 ? ? 116.16 123.10 -6.94  0.80 N 
54 1 C5    B DT 14 ? ? C4    B DT 14 ? ? O4    B DT 14 ? ? 120.35 124.90 -4.55  0.70 N 
55 1 "C3'" B DT 14 ? ? "O3'" B DT 14 ? ? P     B DC 15 ? ? 131.46 119.70 11.76  1.20 Y 
56 1 "O3'" B DT 14 ? ? P     B DC 15 ? ? OP2   B DC 15 ? ? 117.45 110.50 6.95   1.10 Y 
57 1 N3    B DC 15 ? ? C4    B DC 15 ? ? C5    B DC 15 ? ? 119.17 121.90 -2.73  0.40 N 
58 1 "O3'" B DC 15 ? ? P     B DG 16 ? ? OP2   B DG 16 ? ? 117.78 110.50 7.28   1.10 Y 
59 1 "O5'" B DG 16 ? ? "C5'" B DG 16 ? ? "C4'" B DG 16 ? ? 103.03 109.40 -6.37  0.80 N 
60 1 "O4'" B DG 16 ? ? "C1'" B DG 16 ? ? N9    B DG 16 ? ? 111.48 108.30 3.18   0.30 N 
61 1 "C5'" B DA 17 ? ? "C4'" B DA 17 ? ? "O4'" B DA 17 ? ? 116.86 109.80 7.06   1.10 N 
62 1 C6    B DA 17 ? ? N1    B DA 17 ? ? C2    B DA 17 ? ? 123.62 118.60 5.02   0.60 N 
63 1 N1    B DA 17 ? ? C2    B DA 17 ? ? N3    B DA 17 ? ? 124.58 129.30 -4.72  0.50 N 
64 1 C5    B DA 17 ? ? C6    B DA 17 ? ? N1    B DA 17 ? ? 114.26 117.70 -3.44  0.50 N 
65 1 N1    B DA 17 ? ? C6    B DA 17 ? ? N6    B DA 17 ? ? 125.18 118.60 6.58   0.60 N 
66 1 "O5'" B DG 18 ? ? "C5'" B DG 18 ? ? "C4'" B DG 18 ? ? 102.21 109.40 -7.19  0.80 N 
67 1 "O4'" B DG 18 ? ? "C1'" B DG 18 ? ? N9    B DG 18 ? ? 113.93 108.30 5.63   0.30 N 
68 1 "C3'" B DA 19 ? ? "C2'" B DA 19 ? ? "C1'" B DA 19 ? ? 97.13  102.40 -5.27  0.80 N 
69 1 "O4'" B DA 19 ? ? "C1'" B DA 19 ? ? "C2'" B DA 19 ? ? 111.75 106.80 4.95   0.50 N 
70 1 N1    B DA 19 ? ? C2    B DA 19 ? ? N3    B DA 19 ? ? 124.63 129.30 -4.67  0.50 N 
71 1 C2    B DA 19 ? ? N3    B DA 19 ? ? C4    B DA 19 ? ? 115.20 110.60 4.60   0.50 N 
72 1 "O5'" B DG 20 ? ? "C5'" B DG 20 ? ? "C4'" B DG 20 ? ? 102.73 109.40 -6.67  0.80 N 
73 1 "O4'" B DG 20 ? ? "C1'" B DG 20 ? ? N9    B DG 20 ? ? 114.28 108.30 5.98   0.30 N 
# 
loop_
_refine_B_iso.class 
_refine_B_iso.details 
_refine_B_iso.treatment 
_refine_B_iso.pdbx_refine_id 
'ALL ATOMS'  TR isotropic 'X-RAY DIFFRACTION' 
'ALL WATERS' TR isotropic 'X-RAY DIFFRACTION' 
# 
loop_
_refine_occupancy.class 
_refine_occupancy.treatment 
_refine_occupancy.pdbx_refine_id 
'ALL ATOMS'  fix 'X-RAY DIFFRACTION' 
'ALL WATERS' fix 'X-RAY DIFFRACTION' 
# 
loop_
_chem_comp_atom.comp_id 
_chem_comp_atom.atom_id 
_chem_comp_atom.type_symbol 
_chem_comp_atom.pdbx_aromatic_flag 
_chem_comp_atom.pdbx_stereo_config 
_chem_comp_atom.pdbx_ordinal 
CA  CA     CA N N 1   
DA  OP3    O  N N 2   
DA  P      P  N N 3   
DA  OP1    O  N N 4   
DA  OP2    O  N N 5   
DA  "O5'"  O  N N 6   
DA  "C5'"  C  N N 7   
DA  "C4'"  C  N R 8   
DA  "O4'"  O  N N 9   
DA  "C3'"  C  N S 10  
DA  "O3'"  O  N N 11  
DA  "C2'"  C  N N 12  
DA  "C1'"  C  N R 13  
DA  N9     N  Y N 14  
DA  C8     C  Y N 15  
DA  N7     N  Y N 16  
DA  C5     C  Y N 17  
DA  C6     C  Y N 18  
DA  N6     N  N N 19  
DA  N1     N  Y N 20  
DA  C2     C  Y N 21  
DA  N3     N  Y N 22  
DA  C4     C  Y N 23  
DA  HOP3   H  N N 24  
DA  HOP2   H  N N 25  
DA  "H5'"  H  N N 26  
DA  "H5''" H  N N 27  
DA  "H4'"  H  N N 28  
DA  "H3'"  H  N N 29  
DA  "HO3'" H  N N 30  
DA  "H2'"  H  N N 31  
DA  "H2''" H  N N 32  
DA  "H1'"  H  N N 33  
DA  H8     H  N N 34  
DA  H61    H  N N 35  
DA  H62    H  N N 36  
DA  H2     H  N N 37  
DC  OP3    O  N N 38  
DC  P      P  N N 39  
DC  OP1    O  N N 40  
DC  OP2    O  N N 41  
DC  "O5'"  O  N N 42  
DC  "C5'"  C  N N 43  
DC  "C4'"  C  N R 44  
DC  "O4'"  O  N N 45  
DC  "C3'"  C  N S 46  
DC  "O3'"  O  N N 47  
DC  "C2'"  C  N N 48  
DC  "C1'"  C  N R 49  
DC  N1     N  N N 50  
DC  C2     C  N N 51  
DC  O2     O  N N 52  
DC  N3     N  N N 53  
DC  C4     C  N N 54  
DC  N4     N  N N 55  
DC  C5     C  N N 56  
DC  C6     C  N N 57  
DC  HOP3   H  N N 58  
DC  HOP2   H  N N 59  
DC  "H5'"  H  N N 60  
DC  "H5''" H  N N 61  
DC  "H4'"  H  N N 62  
DC  "H3'"  H  N N 63  
DC  "HO3'" H  N N 64  
DC  "H2'"  H  N N 65  
DC  "H2''" H  N N 66  
DC  "H1'"  H  N N 67  
DC  H41    H  N N 68  
DC  H42    H  N N 69  
DC  H5     H  N N 70  
DC  H6     H  N N 71  
DG  OP3    O  N N 72  
DG  P      P  N N 73  
DG  OP1    O  N N 74  
DG  OP2    O  N N 75  
DG  "O5'"  O  N N 76  
DG  "C5'"  C  N N 77  
DG  "C4'"  C  N R 78  
DG  "O4'"  O  N N 79  
DG  "C3'"  C  N S 80  
DG  "O3'"  O  N N 81  
DG  "C2'"  C  N N 82  
DG  "C1'"  C  N R 83  
DG  N9     N  Y N 84  
DG  C8     C  Y N 85  
DG  N7     N  Y N 86  
DG  C5     C  Y N 87  
DG  C6     C  N N 88  
DG  O6     O  N N 89  
DG  N1     N  N N 90  
DG  C2     C  N N 91  
DG  N2     N  N N 92  
DG  N3     N  N N 93  
DG  C4     C  Y N 94  
DG  HOP3   H  N N 95  
DG  HOP2   H  N N 96  
DG  "H5'"  H  N N 97  
DG  "H5''" H  N N 98  
DG  "H4'"  H  N N 99  
DG  "H3'"  H  N N 100 
DG  "HO3'" H  N N 101 
DG  "H2'"  H  N N 102 
DG  "H2''" H  N N 103 
DG  "H1'"  H  N N 104 
DG  H8     H  N N 105 
DG  H1     H  N N 106 
DG  H21    H  N N 107 
DG  H22    H  N N 108 
DT  OP3    O  N N 109 
DT  P      P  N N 110 
DT  OP1    O  N N 111 
DT  OP2    O  N N 112 
DT  "O5'"  O  N N 113 
DT  "C5'"  C  N N 114 
DT  "C4'"  C  N R 115 
DT  "O4'"  O  N N 116 
DT  "C3'"  C  N S 117 
DT  "O3'"  O  N N 118 
DT  "C2'"  C  N N 119 
DT  "C1'"  C  N R 120 
DT  N1     N  N N 121 
DT  C2     C  N N 122 
DT  O2     O  N N 123 
DT  N3     N  N N 124 
DT  C4     C  N N 125 
DT  O4     O  N N 126 
DT  C5     C  N N 127 
DT  C7     C  N N 128 
DT  C6     C  N N 129 
DT  HOP3   H  N N 130 
DT  HOP2   H  N N 131 
DT  "H5'"  H  N N 132 
DT  "H5''" H  N N 133 
DT  "H4'"  H  N N 134 
DT  "H3'"  H  N N 135 
DT  "HO3'" H  N N 136 
DT  "H2'"  H  N N 137 
DT  "H2''" H  N N 138 
DT  "H1'"  H  N N 139 
DT  H3     H  N N 140 
DT  H71    H  N N 141 
DT  H72    H  N N 142 
DT  H73    H  N N 143 
DT  H6     H  N N 144 
HOH O      O  N N 145 
HOH H1     H  N N 146 
HOH H2     H  N N 147 
# 
loop_
_chem_comp_bond.comp_id 
_chem_comp_bond.atom_id_1 
_chem_comp_bond.atom_id_2 
_chem_comp_bond.value_order 
_chem_comp_bond.pdbx_aromatic_flag 
_chem_comp_bond.pdbx_stereo_config 
_chem_comp_bond.pdbx_ordinal 
DA  OP3   P      sing N N 1   
DA  OP3   HOP3   sing N N 2   
DA  P     OP1    doub N N 3   
DA  P     OP2    sing N N 4   
DA  P     "O5'"  sing N N 5   
DA  OP2   HOP2   sing N N 6   
DA  "O5'" "C5'"  sing N N 7   
DA  "C5'" "C4'"  sing N N 8   
DA  "C5'" "H5'"  sing N N 9   
DA  "C5'" "H5''" sing N N 10  
DA  "C4'" "O4'"  sing N N 11  
DA  "C4'" "C3'"  sing N N 12  
DA  "C4'" "H4'"  sing N N 13  
DA  "O4'" "C1'"  sing N N 14  
DA  "C3'" "O3'"  sing N N 15  
DA  "C3'" "C2'"  sing N N 16  
DA  "C3'" "H3'"  sing N N 17  
DA  "O3'" "HO3'" sing N N 18  
DA  "C2'" "C1'"  sing N N 19  
DA  "C2'" "H2'"  sing N N 20  
DA  "C2'" "H2''" sing N N 21  
DA  "C1'" N9     sing N N 22  
DA  "C1'" "H1'"  sing N N 23  
DA  N9    C8     sing Y N 24  
DA  N9    C4     sing Y N 25  
DA  C8    N7     doub Y N 26  
DA  C8    H8     sing N N 27  
DA  N7    C5     sing Y N 28  
DA  C5    C6     sing Y N 29  
DA  C5    C4     doub Y N 30  
DA  C6    N6     sing N N 31  
DA  C6    N1     doub Y N 32  
DA  N6    H61    sing N N 33  
DA  N6    H62    sing N N 34  
DA  N1    C2     sing Y N 35  
DA  C2    N3     doub Y N 36  
DA  C2    H2     sing N N 37  
DA  N3    C4     sing Y N 38  
DC  OP3   P      sing N N 39  
DC  OP3   HOP3   sing N N 40  
DC  P     OP1    doub N N 41  
DC  P     OP2    sing N N 42  
DC  P     "O5'"  sing N N 43  
DC  OP2   HOP2   sing N N 44  
DC  "O5'" "C5'"  sing N N 45  
DC  "C5'" "C4'"  sing N N 46  
DC  "C5'" "H5'"  sing N N 47  
DC  "C5'" "H5''" sing N N 48  
DC  "C4'" "O4'"  sing N N 49  
DC  "C4'" "C3'"  sing N N 50  
DC  "C4'" "H4'"  sing N N 51  
DC  "O4'" "C1'"  sing N N 52  
DC  "C3'" "O3'"  sing N N 53  
DC  "C3'" "C2'"  sing N N 54  
DC  "C3'" "H3'"  sing N N 55  
DC  "O3'" "HO3'" sing N N 56  
DC  "C2'" "C1'"  sing N N 57  
DC  "C2'" "H2'"  sing N N 58  
DC  "C2'" "H2''" sing N N 59  
DC  "C1'" N1     sing N N 60  
DC  "C1'" "H1'"  sing N N 61  
DC  N1    C2     sing N N 62  
DC  N1    C6     sing N N 63  
DC  C2    O2     doub N N 64  
DC  C2    N3     sing N N 65  
DC  N3    C4     doub N N 66  
DC  C4    N4     sing N N 67  
DC  C4    C5     sing N N 68  
DC  N4    H41    sing N N 69  
DC  N4    H42    sing N N 70  
DC  C5    C6     doub N N 71  
DC  C5    H5     sing N N 72  
DC  C6    H6     sing N N 73  
DG  OP3   P      sing N N 74  
DG  OP3   HOP3   sing N N 75  
DG  P     OP1    doub N N 76  
DG  P     OP2    sing N N 77  
DG  P     "O5'"  sing N N 78  
DG  OP2   HOP2   sing N N 79  
DG  "O5'" "C5'"  sing N N 80  
DG  "C5'" "C4'"  sing N N 81  
DG  "C5'" "H5'"  sing N N 82  
DG  "C5'" "H5''" sing N N 83  
DG  "C4'" "O4'"  sing N N 84  
DG  "C4'" "C3'"  sing N N 85  
DG  "C4'" "H4'"  sing N N 86  
DG  "O4'" "C1'"  sing N N 87  
DG  "C3'" "O3'"  sing N N 88  
DG  "C3'" "C2'"  sing N N 89  
DG  "C3'" "H3'"  sing N N 90  
DG  "O3'" "HO3'" sing N N 91  
DG  "C2'" "C1'"  sing N N 92  
DG  "C2'" "H2'"  sing N N 93  
DG  "C2'" "H2''" sing N N 94  
DG  "C1'" N9     sing N N 95  
DG  "C1'" "H1'"  sing N N 96  
DG  N9    C8     sing Y N 97  
DG  N9    C4     sing Y N 98  
DG  C8    N7     doub Y N 99  
DG  C8    H8     sing N N 100 
DG  N7    C5     sing Y N 101 
DG  C5    C6     sing N N 102 
DG  C5    C4     doub Y N 103 
DG  C6    O6     doub N N 104 
DG  C6    N1     sing N N 105 
DG  N1    C2     sing N N 106 
DG  N1    H1     sing N N 107 
DG  C2    N2     sing N N 108 
DG  C2    N3     doub N N 109 
DG  N2    H21    sing N N 110 
DG  N2    H22    sing N N 111 
DG  N3    C4     sing N N 112 
DT  OP3   P      sing N N 113 
DT  OP3   HOP3   sing N N 114 
DT  P     OP1    doub N N 115 
DT  P     OP2    sing N N 116 
DT  P     "O5'"  sing N N 117 
DT  OP2   HOP2   sing N N 118 
DT  "O5'" "C5'"  sing N N 119 
DT  "C5'" "C4'"  sing N N 120 
DT  "C5'" "H5'"  sing N N 121 
DT  "C5'" "H5''" sing N N 122 
DT  "C4'" "O4'"  sing N N 123 
DT  "C4'" "C3'"  sing N N 124 
DT  "C4'" "H4'"  sing N N 125 
DT  "O4'" "C1'"  sing N N 126 
DT  "C3'" "O3'"  sing N N 127 
DT  "C3'" "C2'"  sing N N 128 
DT  "C3'" "H3'"  sing N N 129 
DT  "O3'" "HO3'" sing N N 130 
DT  "C2'" "C1'"  sing N N 131 
DT  "C2'" "H2'"  sing N N 132 
DT  "C2'" "H2''" sing N N 133 
DT  "C1'" N1     sing N N 134 
DT  "C1'" "H1'"  sing N N 135 
DT  N1    C2     sing N N 136 
DT  N1    C6     sing N N 137 
DT  C2    O2     doub N N 138 
DT  C2    N3     sing N N 139 
DT  N3    C4     sing N N 140 
DT  N3    H3     sing N N 141 
DT  C4    O4     doub N N 142 
DT  C4    C5     sing N N 143 
DT  C5    C7     sing N N 144 
DT  C5    C6     doub N N 145 
DT  C7    H71    sing N N 146 
DT  C7    H72    sing N N 147 
DT  C7    H73    sing N N 148 
DT  C6    H6     sing N N 149 
HOH O     H1     sing N N 150 
HOH O     H2     sing N N 151 
# 
loop_
_ndb_struct_conf_na.entry_id 
_ndb_struct_conf_na.feature 
196D 'double helix'        
196D 'b-form double helix' 
# 
loop_
_ndb_struct_na_base_pair.model_number 
_ndb_struct_na_base_pair.i_label_asym_id 
_ndb_struct_na_base_pair.i_label_comp_id 
_ndb_struct_na_base_pair.i_label_seq_id 
_ndb_struct_na_base_pair.i_symmetry 
_ndb_struct_na_base_pair.j_label_asym_id 
_ndb_struct_na_base_pair.j_label_comp_id 
_ndb_struct_na_base_pair.j_label_seq_id 
_ndb_struct_na_base_pair.j_symmetry 
_ndb_struct_na_base_pair.shear 
_ndb_struct_na_base_pair.stretch 
_ndb_struct_na_base_pair.stagger 
_ndb_struct_na_base_pair.buckle 
_ndb_struct_na_base_pair.propeller 
_ndb_struct_na_base_pair.opening 
_ndb_struct_na_base_pair.pair_number 
_ndb_struct_na_base_pair.pair_name 
_ndb_struct_na_base_pair.i_auth_asym_id 
_ndb_struct_na_base_pair.i_auth_seq_id 
_ndb_struct_na_base_pair.i_PDB_ins_code 
_ndb_struct_na_base_pair.j_auth_asym_id 
_ndb_struct_na_base_pair.j_auth_seq_id 
_ndb_struct_na_base_pair.j_PDB_ins_code 
_ndb_struct_na_base_pair.hbond_type_28 
_ndb_struct_na_base_pair.hbond_type_12 
1 A DC 1  1_555 B DG 10 1_555 0.212  -0.098 0.690  -8.116 -13.625 -1.640 1  A_DC1:DG20_B  A 1  ? B 20 ? 19 1 
1 A DT 2  1_555 B DA 9  1_555 -0.246 -0.140 -0.059 8.902  -16.409 -2.456 2  A_DT2:DA19_B  A 2  ? B 19 ? 20 1 
1 A DC 3  1_555 B DG 8  1_555 0.222  -0.155 0.228  -2.039 -10.624 -5.198 3  A_DC3:DG18_B  A 3  ? B 18 ? 19 1 
1 A DT 4  1_555 B DA 7  1_555 -0.217 -0.127 -0.257 2.967  -16.282 1.294  4  A_DT4:DA17_B  A 4  ? B 17 ? 20 1 
1 A DC 5  1_555 B DG 6  1_555 0.067  0.013  0.119  2.198  -4.046  -3.365 5  A_DC5:DG16_B  A 5  ? B 16 ? 19 1 
1 A DG 6  1_555 B DC 5  1_555 -0.121 -0.122 -0.011 -2.648 -17.073 -5.240 6  A_DG6:DC15_B  A 6  ? B 15 ? 19 1 
1 A DA 7  1_555 B DT 4  1_555 0.234  -0.157 -0.202 -3.538 -6.180  -0.550 7  A_DA7:DT14_B  A 7  ? B 14 ? 20 1 
1 A DG 8  1_555 B DC 3  1_555 -0.331 -0.089 0.268  12.555 -14.233 -1.872 8  A_DG8:DC13_B  A 8  ? B 13 ? 19 1 
1 A DA 9  1_555 B DT 2  1_555 0.371  -0.086 0.234  4.549  -10.027 -2.028 9  A_DA9:DT12_B  A 9  ? B 12 ? 20 1 
1 A DG 10 1_555 B DC 1  1_555 -0.191 -0.100 0.298  5.803  -16.488 -1.394 10 A_DG10:DC11_B A 10 ? B 11 ? 19 1 
# 
loop_
_ndb_struct_na_base_pair_step.model_number 
_ndb_struct_na_base_pair_step.i_label_asym_id_1 
_ndb_struct_na_base_pair_step.i_label_comp_id_1 
_ndb_struct_na_base_pair_step.i_label_seq_id_1 
_ndb_struct_na_base_pair_step.i_symmetry_1 
_ndb_struct_na_base_pair_step.j_label_asym_id_1 
_ndb_struct_na_base_pair_step.j_label_comp_id_1 
_ndb_struct_na_base_pair_step.j_label_seq_id_1 
_ndb_struct_na_base_pair_step.j_symmetry_1 
_ndb_struct_na_base_pair_step.i_label_asym_id_2 
_ndb_struct_na_base_pair_step.i_label_comp_id_2 
_ndb_struct_na_base_pair_step.i_label_seq_id_2 
_ndb_struct_na_base_pair_step.i_symmetry_2 
_ndb_struct_na_base_pair_step.j_label_asym_id_2 
_ndb_struct_na_base_pair_step.j_label_comp_id_2 
_ndb_struct_na_base_pair_step.j_label_seq_id_2 
_ndb_struct_na_base_pair_step.j_symmetry_2 
_ndb_struct_na_base_pair_step.shift 
_ndb_struct_na_base_pair_step.slide 
_ndb_struct_na_base_pair_step.rise 
_ndb_struct_na_base_pair_step.tilt 
_ndb_struct_na_base_pair_step.roll 
_ndb_struct_na_base_pair_step.twist 
_ndb_struct_na_base_pair_step.x_displacement 
_ndb_struct_na_base_pair_step.y_displacement 
_ndb_struct_na_base_pair_step.helical_rise 
_ndb_struct_na_base_pair_step.inclination 
_ndb_struct_na_base_pair_step.tip 
_ndb_struct_na_base_pair_step.helical_twist 
_ndb_struct_na_base_pair_step.step_number 
_ndb_struct_na_base_pair_step.step_name 
_ndb_struct_na_base_pair_step.i_auth_asym_id_1 
_ndb_struct_na_base_pair_step.i_auth_seq_id_1 
_ndb_struct_na_base_pair_step.i_PDB_ins_code_1 
_ndb_struct_na_base_pair_step.j_auth_asym_id_1 
_ndb_struct_na_base_pair_step.j_auth_seq_id_1 
_ndb_struct_na_base_pair_step.j_PDB_ins_code_1 
_ndb_struct_na_base_pair_step.i_auth_asym_id_2 
_ndb_struct_na_base_pair_step.i_auth_seq_id_2 
_ndb_struct_na_base_pair_step.i_PDB_ins_code_2 
_ndb_struct_na_base_pair_step.j_auth_asym_id_2 
_ndb_struct_na_base_pair_step.j_auth_seq_id_2 
_ndb_struct_na_base_pair_step.j_PDB_ins_code_2 
1 A DC 1 1_555 B DG 10 1_555 A DT 2  1_555 B DA 9 1_555 -0.452 -0.339 2.890 3.541  2.507  32.388 -0.981 1.338  2.793 4.469  -6.313 
32.669 1 AA_DC1DT2:DA19DG20_BB  A 1 ? B 20 ? A 2  ? B 19 ? 
1 A DT 2 1_555 B DA 9  1_555 A DC 3  1_555 B DG 8 1_555 -0.431 -0.270 3.540 -1.529 4.459  39.706 -0.948 0.441  3.504 6.536  2.242  
39.973 2 AA_DT2DC3:DG18DA19_BB  A 2 ? B 19 ? A 3  ? B 18 ? 
1 A DC 3 1_555 B DG 8  1_555 A DT 4  1_555 B DA 7 1_555 -0.176 0.229  3.154 2.425  3.550  27.753 -0.336 0.915  3.132 7.345  -5.018 
28.077 3 AA_DC3DT4:DA17DG18_BB  A 3 ? B 18 ? A 4  ? B 17 ? 
1 A DT 4 1_555 B DA 7  1_555 A DC 5  1_555 B DG 6 1_555 0.990  1.467  3.414 0.106  1.871  40.267 1.906  -1.424 3.478 2.716  -0.154 
40.309 4 AA_DT4DC5:DG16DA17_BB  A 4 ? B 17 ? A 5  ? B 16 ? 
1 A DC 5 1_555 B DG 6  1_555 A DG 6  1_555 B DC 5 1_555 -1.172 0.936  3.466 -3.024 0.711  33.723 1.483  1.488  3.573 1.222  5.198  
33.862 5 AA_DC5DG6:DC15DG16_BB  A 5 ? B 16 ? A 6  ? B 15 ? 
1 A DG 6 1_555 B DC 5  1_555 A DA 7  1_555 B DT 4 1_555 0.206  0.442  3.260 0.942  3.795  42.123 0.224  -0.189 3.289 5.267  -1.307 
42.296 6 AA_DG6DA7:DT14DC15_BB  A 6 ? B 15 ? A 7  ? B 14 ? 
1 A DA 7 1_555 B DT 4  1_555 A DG 8  1_555 B DC 3 1_555 0.179  0.197  2.993 -3.753 5.322  28.038 -0.699 -1.131 2.931 10.800 7.616  
28.770 7 AA_DA7DG8:DC13DT14_BB  A 7 ? B 14 ? A 8  ? B 13 ? 
1 A DG 8 1_555 B DC 3  1_555 A DA 9  1_555 B DT 2 1_555 -0.159 -0.336 3.487 1.601  -1.732 37.960 -0.281 0.461  3.489 -2.659 -2.458 
38.030 8 AA_DG8DA9:DT12DC13_BB  A 8 ? B 13 ? A 9  ? B 12 ? 
1 A DA 9 1_555 B DT 2  1_555 A DG 10 1_555 B DC 1 1_555 0.321  -0.188 3.291 -2.373 4.076  33.839 -0.965 -0.921 3.218 6.960  4.052  
34.156 9 AA_DA9DG10:DC11DT12_BB A 9 ? B 12 ? A 10 ? B 11 ? 
# 
_atom_sites.entry_id                    196D 
_atom_sites.fract_transf_matrix[1][1]   -0.01528438 
_atom_sites.fract_transf_matrix[1][2]   -0.00621376 
_atom_sites.fract_transf_matrix[1][3]   -0.01141498 
_atom_sites.fract_transf_matrix[2][1]   0.02391748 
_atom_sites.fract_transf_matrix[2][2]   0.00244624 
_atom_sites.fract_transf_matrix[2][3]   -0.03335656 
_atom_sites.fract_transf_matrix[3][1]   -0.00696606 
_atom_sites.fract_transf_matrix[3][2]   -0.02891235 
_atom_sites.fract_transf_matrix[3][3]   -0.00711515 
_atom_sites.fract_transf_vector[1]      0.451948 
_atom_sites.fract_transf_vector[2]      0.227821 
_atom_sites.fract_transf_vector[3]      0.218287 
# 
loop_
_atom_type.symbol 
C  
CA 
N  
O  
P  
# 
loop_
_atom_site.group_PDB 
_atom_site.id 
_atom_site.type_symbol 
_atom_site.label_atom_id 
_atom_site.label_alt_id 
_atom_site.label_comp_id 
_atom_site.label_asym_id 
_atom_site.label_entity_id 
_atom_site.label_seq_id 
_atom_site.pdbx_PDB_ins_code 
_atom_site.Cartn_x 
_atom_site.Cartn_y 
_atom_site.Cartn_z 
_atom_site.occupancy 
_atom_site.B_iso_or_equiv 
_atom_site.pdbx_formal_charge 
_atom_site.auth_seq_id 
_atom_site.auth_comp_id 
_atom_site.auth_asym_id 
_atom_site.auth_atom_id 
_atom_site.pdbx_PDB_model_num 
ATOM   1   O  "O5'" . DC  A 1 1  ? 6.649   -12.301 8.336   1.00 25.82 ? 1   DC  A "O5'" 1 
ATOM   2   C  "C5'" . DC  A 1 1  ? 6.403   -13.076 9.578   1.00 21.17 ? 1   DC  A "C5'" 1 
ATOM   3   C  "C4'" . DC  A 1 1  ? 5.646   -12.186 10.563  1.00 19.78 ? 1   DC  A "C4'" 1 
ATOM   4   O  "O4'" . DC  A 1 1  ? 6.487   -11.234 11.143  1.00 15.96 ? 1   DC  A "O4'" 1 
ATOM   5   C  "C3'" . DC  A 1 1  ? 4.524   -11.388 9.940   1.00 20.09 ? 1   DC  A "C3'" 1 
ATOM   6   O  "O3'" . DC  A 1 1  ? 3.229   -11.987 9.984   1.00 25.66 ? 1   DC  A "O3'" 1 
ATOM   7   C  "C2'" . DC  A 1 1  ? 4.509   -10.046 10.657  1.00 19.69 ? 1   DC  A "C2'" 1 
ATOM   8   C  "C1'" . DC  A 1 1  ? 5.896   -9.964  11.200  1.00 14.59 ? 1   DC  A "C1'" 1 
ATOM   9   N  N1    . DC  A 1 1  ? 6.738   -8.925  10.593  1.00 18.18 ? 1   DC  A N1    1 
ATOM   10  C  C2    . DC  A 1 1  ? 6.493   -7.625  11.019  1.00 16.29 ? 1   DC  A C2    1 
ATOM   11  O  O2    . DC  A 1 1  ? 5.551   -7.362  11.788  1.00 16.21 ? 1   DC  A O2    1 
ATOM   12  N  N3    . DC  A 1 1  ? 7.306   -6.615  10.520  1.00 14.29 ? 1   DC  A N3    1 
ATOM   13  C  C4    . DC  A 1 1  ? 8.330   -6.888  9.683   1.00 12.52 ? 1   DC  A C4    1 
ATOM   14  N  N4    . DC  A 1 1  ? 9.060   -5.854  9.263   1.00 10.89 ? 1   DC  A N4    1 
ATOM   15  C  C5    . DC  A 1 1  ? 8.560   -8.202  9.257   1.00 13.97 ? 1   DC  A C5    1 
ATOM   16  C  C6    . DC  A 1 1  ? 7.758   -9.165  9.717   1.00 12.70 ? 1   DC  A C6    1 
ATOM   17  P  P     . DT  A 1 2  ? 2.071   -11.576 8.947   1.00 23.44 ? 2   DT  A P     1 
ATOM   18  O  OP1   . DT  A 1 2  ? 1.254   -12.852 8.957   1.00 32.07 ? 2   DT  A OP1   1 
ATOM   19  O  OP2   . DT  A 1 2  ? 2.488   -11.217 7.546   1.00 23.06 ? 2   DT  A OP2   1 
ATOM   20  O  "O5'" . DT  A 1 2  ? 1.304   -10.343 9.617   1.00 21.46 ? 2   DT  A "O5'" 1 
ATOM   21  C  "C5'" . DT  A 1 2  ? 1.207   -10.208 11.050  1.00 24.03 ? 2   DT  A "C5'" 1 
ATOM   22  C  "C4'" . DT  A 1 2  ? 0.732   -8.812  11.433  1.00 14.69 ? 2   DT  A "C4'" 1 
ATOM   23  O  "O4'" . DT  A 1 2  ? 1.753   -7.870  11.359  1.00 14.53 ? 2   DT  A "O4'" 1 
ATOM   24  C  "C3'" . DT  A 1 2  ? -0.417  -8.285  10.600  1.00 22.52 ? 2   DT  A "C3'" 1 
ATOM   25  O  "O3'" . DT  A 1 2  ? -1.371  -7.526  11.404  1.00 26.84 ? 2   DT  A "O3'" 1 
ATOM   26  C  "C2'" . DT  A 1 2  ? 0.280   -7.412  9.560   1.00 18.53 ? 2   DT  A "C2'" 1 
ATOM   27  C  "C1'" . DT  A 1 2  ? 1.423   -6.895  10.358  1.00 12.41 ? 2   DT  A "C1'" 1 
ATOM   28  N  N1    . DT  A 1 2  ? 2.620   -6.648  9.533   1.00 16.41 ? 2   DT  A N1    1 
ATOM   29  C  C2    . DT  A 1 2  ? 3.218   -5.408  9.802   1.00 17.04 ? 2   DT  A C2    1 
ATOM   30  O  O2    . DT  A 1 2  ? 2.736   -4.592  10.580  1.00 15.13 ? 2   DT  A O2    1 
ATOM   31  N  N3    . DT  A 1 2  ? 4.380   -5.117  9.112   1.00 18.88 ? 2   DT  A N3    1 
ATOM   32  C  C4    . DT  A 1 2  ? 4.949   -5.990  8.218   1.00 14.12 ? 2   DT  A C4    1 
ATOM   33  O  O4    . DT  A 1 2  ? 5.986   -5.576  7.676   1.00 10.29 ? 2   DT  A O4    1 
ATOM   34  C  C5    . DT  A 1 2  ? 4.321   -7.263  8.020   1.00 15.76 ? 2   DT  A C5    1 
ATOM   35  C  C7    . DT  A 1 2  ? 4.913   -8.216  7.071   1.00 14.98 ? 2   DT  A C7    1 
ATOM   36  C  C6    . DT  A 1 2  ? 3.183   -7.526  8.686   1.00 13.49 ? 2   DT  A C6    1 
ATOM   37  P  P     . DC  A 1 3  ? -2.761  -7.039  10.713  1.00 22.13 ? 3   DC  A P     1 
ATOM   38  O  OP1   . DC  A 1 3  ? -3.734  -7.363  11.764  1.00 27.10 ? 3   DC  A OP1   1 
ATOM   39  O  OP2   . DC  A 1 3  ? -3.000  -7.823  9.454   1.00 21.88 ? 3   DC  A OP2   1 
ATOM   40  O  "O5'" . DC  A 1 3  ? -2.567  -5.506  10.452  1.00 17.14 ? 3   DC  A "O5'" 1 
ATOM   41  C  "C5'" . DC  A 1 3  ? -2.263  -4.634  11.541  1.00 16.67 ? 3   DC  A "C5'" 1 
ATOM   42  C  "C4'" . DC  A 1 3  ? -2.052  -3.275  10.886  1.00 19.14 ? 3   DC  A "C4'" 1 
ATOM   43  O  "O4'" . DC  A 1 3  ? -0.822  -3.315  10.224  1.00 15.74 ? 3   DC  A "O4'" 1 
ATOM   44  C  "C3'" . DC  A 1 3  ? -3.140  -2.948  9.852   1.00 15.82 ? 3   DC  A "C3'" 1 
ATOM   45  O  "O3'" . DC  A 1 3  ? -3.925  -1.851  10.280  1.00 13.13 ? 3   DC  A "O3'" 1 
ATOM   46  C  "C2'" . DC  A 1 3  ? -2.348  -2.753  8.562   1.00 17.24 ? 3   DC  A "C2'" 1 
ATOM   47  C  "C1'" . DC  A 1 3  ? -0.952  -2.483  9.008   1.00 17.38 ? 3   DC  A "C1'" 1 
ATOM   48  N  N1    . DC  A 1 3  ? 0.080   -3.027  8.089   1.00 17.74 ? 3   DC  A N1    1 
ATOM   49  C  C2    . DC  A 1 3  ? 1.157   -2.200  7.747   1.00 14.37 ? 3   DC  A C2    1 
ATOM   50  O  O2    . DC  A 1 3  ? 1.232   -1.026  8.076   1.00 10.58 ? 3   DC  A O2    1 
ATOM   51  N  N3    . DC  A 1 3  ? 2.110   -2.759  6.995   1.00 12.68 ? 3   DC  A N3    1 
ATOM   52  C  C4    . DC  A 1 3  ? 2.067   -4.055  6.566   1.00 14.19 ? 3   DC  A C4    1 
ATOM   53  N  N4    . DC  A 1 3  ? 3.074   -4.531  5.800   1.00 13.43 ? 3   DC  A N4    1 
ATOM   54  C  C5    . DC  A 1 3  ? 0.978   -4.875  6.946   1.00 16.16 ? 3   DC  A C5    1 
ATOM   55  C  C6    . DC  A 1 3  ? 0.025   -4.333  7.699   1.00 10.99 ? 3   DC  A C6    1 
ATOM   56  P  P     . DT  A 1 4  ? -4.981  -1.108  9.476   1.00 17.42 ? 4   DT  A P     1 
ATOM   57  O  OP1   . DT  A 1 4  ? -6.026  -0.572  10.399  1.00 18.89 ? 4   DT  A OP1   1 
ATOM   58  O  OP2   . DT  A 1 4  ? -5.634  -1.945  8.371   1.00 14.78 ? 4   DT  A OP2   1 
ATOM   59  O  "O5'" . DT  A 1 4  ? -4.242  0.167   8.827   1.00 16.64 ? 4   DT  A "O5'" 1 
ATOM   60  C  "C5'" . DT  A 1 4  ? -3.337  0.960   9.655   1.00 13.17 ? 4   DT  A "C5'" 1 
ATOM   61  C  "C4'" . DT  A 1 4  ? -2.552  1.745   8.630   1.00 11.69 ? 4   DT  A "C4'" 1 
ATOM   62  O  "O4'" . DT  A 1 4  ? -1.709  0.977   7.877   1.00 14.89 ? 4   DT  A "O4'" 1 
ATOM   63  C  "C3'" . DT  A 1 4  ? -3.452  2.532   7.691   1.00 12.25 ? 4   DT  A "C3'" 1 
ATOM   64  O  "O3'" . DT  A 1 4  ? -3.164  3.936   7.914   1.00 14.38 ? 4   DT  A "O3'" 1 
ATOM   65  C  "C2'" . DT  A 1 4  ? -3.155  1.951   6.321   1.00 16.70 ? 4   DT  A "C2'" 1 
ATOM   66  C  "C1'" . DT  A 1 4  ? -1.750  1.495   6.432   1.00 16.41 ? 4   DT  A "C1'" 1 
ATOM   67  N  N1    . DT  A 1 4  ? -1.260  0.344   5.709   1.00 17.96 ? 4   DT  A N1    1 
ATOM   68  C  C2    . DT  A 1 4  ? 0.062   0.374   5.220   1.00 15.02 ? 4   DT  A C2    1 
ATOM   69  O  O2    . DT  A 1 4  ? 0.743   1.403   5.289   1.00 16.37 ? 4   DT  A O2    1 
ATOM   70  N  N3    . DT  A 1 4  ? 0.581   -0.748  4.646   1.00 12.32 ? 4   DT  A N3    1 
ATOM   71  C  C4    . DT  A 1 4  ? -0.147  -1.887  4.524   1.00 14.41 ? 4   DT  A C4    1 
ATOM   72  O  O4    . DT  A 1 4  ? 0.407   -2.877  3.995   1.00 12.27 ? 4   DT  A O4    1 
ATOM   73  C  C5    . DT  A 1 4  ? -1.482  -1.940  5.085   1.00 14.52 ? 4   DT  A C5    1 
ATOM   74  C  C7    . DT  A 1 4  ? -2.284  -3.166  4.979   1.00 12.81 ? 4   DT  A C7    1 
ATOM   75  C  C6    . DT  A 1 4  ? -1.950  -0.832  5.653   1.00 14.77 ? 4   DT  A C6    1 
ATOM   76  P  P     . DC  A 1 5  ? -3.895  5.229   7.437   1.00 15.18 ? 5   DC  A P     1 
ATOM   77  O  OP1   . DC  A 1 5  ? -3.447  6.389   8.247   1.00 15.91 ? 5   DC  A OP1   1 
ATOM   78  O  OP2   . DC  A 1 5  ? -5.295  5.021   7.182   1.00 13.14 ? 5   DC  A OP2   1 
ATOM   79  O  "O5'" . DC  A 1 5  ? -3.284  5.452   5.894   1.00 12.34 ? 5   DC  A "O5'" 1 
ATOM   80  C  "C5'" . DC  A 1 5  ? -1.946  5.868   5.706   1.00 8.51  ? 5   DC  A "C5'" 1 
ATOM   81  C  "C4'" . DC  A 1 5  ? -1.738  5.820   4.218   1.00 10.08 ? 5   DC  A "C4'" 1 
ATOM   82  O  "O4'" . DC  A 1 5  ? -1.668  4.433   3.899   1.00 9.71  ? 5   DC  A "O4'" 1 
ATOM   83  C  "C3'" . DC  A 1 5  ? -2.844  6.409   3.372   1.00 11.35 ? 5   DC  A "C3'" 1 
ATOM   84  O  "O3'" . DC  A 1 5  ? -2.307  7.085   2.251   1.00 20.56 ? 5   DC  A "O3'" 1 
ATOM   85  C  "C2'" . DC  A 1 5  ? -3.554  5.135   2.862   1.00 15.58 ? 5   DC  A "C2'" 1 
ATOM   86  C  "C1'" . DC  A 1 5  ? -2.358  4.242   2.666   1.00 7.83  ? 5   DC  A "C1'" 1 
ATOM   87  N  N1    . DC  A 1 5  ? -2.623  2.827   2.548   1.00 15.51 ? 5   DC  A N1    1 
ATOM   88  C  C2    . DC  A 1 5  ? -1.579  2.069   2.018   1.00 16.48 ? 5   DC  A C2    1 
ATOM   89  O  O2    . DC  A 1 5  ? -0.530  2.557   1.610   1.00 12.31 ? 5   DC  A O2    1 
ATOM   90  N  N3    . DC  A 1 5  ? -1.777  0.697   1.901   1.00 12.39 ? 5   DC  A N3    1 
ATOM   91  C  C4    . DC  A 1 5  ? -2.951  0.101   2.281   1.00 14.31 ? 5   DC  A C4    1 
ATOM   92  N  N4    . DC  A 1 5  ? -2.979  -1.233  2.179   1.00 14.05 ? 5   DC  A N4    1 
ATOM   93  C  C5    . DC  A 1 5  ? -3.987  0.875   2.836   1.00 15.79 ? 5   DC  A C5    1 
ATOM   94  C  C6    . DC  A 1 5  ? -3.790  2.192   2.966   1.00 13.30 ? 5   DC  A C6    1 
ATOM   95  P  P     . DG  A 1 6  ? -2.442  8.654   1.912   1.00 20.72 ? 6   DG  A P     1 
ATOM   96  O  OP1   . DG  A 1 6  ? -2.056  9.338   3.124   1.00 25.38 ? 6   DG  A OP1   1 
ATOM   97  O  OP2   . DG  A 1 6  ? -3.767  8.859   1.304   1.00 23.33 ? 6   DG  A OP2   1 
ATOM   98  O  "O5'" . DG  A 1 6  ? -1.204  8.772   0.838   1.00 22.31 ? 6   DG  A "O5'" 1 
ATOM   99  C  "C5'" . DG  A 1 6  ? 0.139   8.612   1.421   1.00 19.66 ? 6   DG  A "C5'" 1 
ATOM   100 C  "C4'" . DG  A 1 6  ? 0.944   7.919   0.317   1.00 17.73 ? 6   DG  A "C4'" 1 
ATOM   101 O  "O4'" . DG  A 1 6  ? 0.579   6.575   0.188   1.00 12.37 ? 6   DG  A "O4'" 1 
ATOM   102 C  "C3'" . DG  A 1 6  ? 0.776   8.567   -1.054  1.00 11.74 ? 6   DG  A "C3'" 1 
ATOM   103 O  "O3'" . DG  A 1 6  ? 2.027   8.715   -1.715  1.00 17.24 ? 6   DG  A "O3'" 1 
ATOM   104 C  "C2'" . DG  A 1 6  ? -0.280  7.673   -1.772  1.00 11.73 ? 6   DG  A "C2'" 1 
ATOM   105 C  "C1'" . DG  A 1 6  ? 0.142   6.377   -1.178  1.00 11.78 ? 6   DG  A "C1'" 1 
ATOM   106 N  N9    . DG  A 1 6  ? -0.890  5.331   -1.119  1.00 13.71 ? 6   DG  A N9    1 
ATOM   107 C  C8    . DG  A 1 6  ? -2.178  5.382   -0.639  1.00 12.13 ? 6   DG  A C8    1 
ATOM   108 N  N7    . DG  A 1 6  ? -2.798  4.271   -0.700  1.00 16.22 ? 6   DG  A N7    1 
ATOM   109 C  C5    . DG  A 1 6  ? -1.863  3.375   -1.238  1.00 11.06 ? 6   DG  A C5    1 
ATOM   110 C  C6    . DG  A 1 6  ? -1.922  1.994   -1.555  1.00 9.04  ? 6   DG  A C6    1 
ATOM   111 O  O6    . DG  A 1 6  ? -2.855  1.244   -1.335  1.00 13.44 ? 6   DG  A O6    1 
ATOM   112 N  N1    . DG  A 1 6  ? -0.759  1.463   -2.027  1.00 14.47 ? 6   DG  A N1    1 
ATOM   113 C  C2    . DG  A 1 6  ? 0.354   2.261   -2.269  1.00 9.82  ? 6   DG  A C2    1 
ATOM   114 N  N2    . DG  A 1 6  ? 1.409   1.600   -2.796  1.00 12.03 ? 6   DG  A N2    1 
ATOM   115 N  N3    . DG  A 1 6  ? 0.479   3.541   -1.986  1.00 10.15 ? 6   DG  A N3    1 
ATOM   116 C  C4    . DG  A 1 6  ? -0.639  4.033   -1.457  1.00 10.11 ? 6   DG  A C4    1 
ATOM   117 P  P     . DA  A 1 7  ? 2.171   9.232   -3.240  1.00 16.20 ? 7   DA  A P     1 
ATOM   118 O  OP1   . DA  A 1 7  ? 3.485   9.893   -3.179  1.00 27.51 ? 7   DA  A OP1   1 
ATOM   119 O  OP2   . DA  A 1 7  ? 1.046   9.944   -3.680  1.00 13.91 ? 7   DA  A OP2   1 
ATOM   120 O  "O5'" . DA  A 1 7  ? 2.227   7.861   -4.077  1.00 12.41 ? 7   DA  A "O5'" 1 
ATOM   121 C  "C5'" . DA  A 1 7  ? 3.416   7.102   -4.080  1.00 14.79 ? 7   DA  A "C5'" 1 
ATOM   122 C  "C4'" . DA  A 1 7  ? 3.266   6.095   -5.197  1.00 13.50 ? 7   DA  A "C4'" 1 
ATOM   123 O  "O4'" . DA  A 1 7  ? 2.314   5.103   -5.056  1.00 9.83  ? 7   DA  A "O4'" 1 
ATOM   124 C  "C3'" . DA  A 1 7  ? 3.030   6.796   -6.552  1.00 13.60 ? 7   DA  A "C3'" 1 
ATOM   125 O  "O3'" . DA  A 1 7  ? 3.968   6.229   -7.481  1.00 17.74 ? 7   DA  A "O3'" 1 
ATOM   126 C  "C2'" . DA  A 1 7  ? 1.568   6.514   -6.840  1.00 12.90 ? 7   DA  A "C2'" 1 
ATOM   127 C  "C1'" . DA  A 1 7  ? 1.379   5.145   -6.167  1.00 8.55  ? 7   DA  A "C1'" 1 
ATOM   128 N  N9    . DA  A 1 7  ? 0.029   5.024   -5.589  1.00 13.92 ? 7   DA  A N9    1 
ATOM   129 C  C8    . DA  A 1 7  ? -0.730  5.971   -4.984  1.00 11.83 ? 7   DA  A C8    1 
ATOM   130 N  N7    . DA  A 1 7  ? -1.864  5.521   -4.492  1.00 13.22 ? 7   DA  A N7    1 
ATOM   131 C  C5    . DA  A 1 7  ? -1.807  4.166   -4.730  1.00 13.22 ? 7   DA  A C5    1 
ATOM   132 C  C6    . DA  A 1 7  ? -2.715  3.118   -4.460  1.00 10.73 ? 7   DA  A C6    1 
ATOM   133 N  N6    . DA  A 1 7  ? -3.883  3.310   -3.860  1.00 10.14 ? 7   DA  A N6    1 
ATOM   134 N  N1    . DA  A 1 7  ? -2.308  1.889   -4.942  1.00 12.10 ? 7   DA  A N1    1 
ATOM   135 C  C2    . DA  A 1 7  ? -1.146  1.697   -5.551  1.00 11.75 ? 7   DA  A C2    1 
ATOM   136 N  N3    . DA  A 1 7  ? -0.211  2.630   -5.813  1.00 9.47  ? 7   DA  A N3    1 
ATOM   137 C  C4    . DA  A 1 7  ? -0.629  3.837   -5.421  1.00 11.17 ? 7   DA  A C4    1 
ATOM   138 P  P     . DG  A 1 8  ? 4.012   6.758   -9.001  1.00 14.71 ? 8   DG  A P     1 
ATOM   139 O  OP1   . DG  A 1 8  ? 5.416   6.490   -9.271  1.00 17.12 ? 8   DG  A OP1   1 
ATOM   140 O  OP2   . DG  A 1 8  ? 3.505   8.041   -9.266  1.00 10.63 ? 8   DG  A OP2   1 
ATOM   141 O  "O5'" . DG  A 1 8  ? 3.068   5.672   -9.747  1.00 17.83 ? 8   DG  A "O5'" 1 
ATOM   142 C  "C5'" . DG  A 1 8  ? 3.697   4.293   -9.613  1.00 14.18 ? 8   DG  A "C5'" 1 
ATOM   143 C  "C4'" . DG  A 1 8  ? 2.686   3.358   -10.247 1.00 21.95 ? 8   DG  A "C4'" 1 
ATOM   144 O  "O4'" . DG  A 1 8  ? 1.485   3.360   -9.515  1.00 19.47 ? 8   DG  A "O4'" 1 
ATOM   145 C  "C3'" . DG  A 1 8  ? 2.302   3.704   -11.699 1.00 26.35 ? 8   DG  A "C3'" 1 
ATOM   146 O  "O3'" . DG  A 1 8  ? 2.366   2.524   -12.544 1.00 28.17 ? 8   DG  A "O3'" 1 
ATOM   147 C  "C2'" . DG  A 1 8  ? 0.961   4.403   -11.510 1.00 22.69 ? 8   DG  A "C2'" 1 
ATOM   148 C  "C1'" . DG  A 1 8  ? 0.374   3.559   -10.406 1.00 24.21 ? 8   DG  A "C1'" 1 
ATOM   149 N  N9    . DG  A 1 8  ? -0.740  4.115   -9.645  1.00 19.88 ? 8   DG  A N9    1 
ATOM   150 C  C8    . DG  A 1 8  ? -1.060  5.395   -9.292  1.00 16.50 ? 8   DG  A C8    1 
ATOM   151 N  N7    . DG  A 1 8  ? -2.113  5.519   -8.554  1.00 18.56 ? 8   DG  A N7    1 
ATOM   152 C  C5    . DG  A 1 8  ? -2.581  4.201   -8.419  1.00 18.58 ? 8   DG  A C5    1 
ATOM   153 C  C6    . DG  A 1 8  ? -3.726  3.663   -7.741  1.00 15.64 ? 8   DG  A C6    1 
ATOM   154 O  O6    . DG  A 1 8  ? -4.613  4.293   -7.097  1.00 13.14 ? 8   DG  A O6    1 
ATOM   155 N  N1    . DG  A 1 8  ? -3.801  2.306   -7.829  1.00 12.27 ? 8   DG  A N1    1 
ATOM   156 C  C2    . DG  A 1 8  ? -2.938  1.558   -8.515  1.00 14.95 ? 8   DG  A C2    1 
ATOM   157 N  N2    . DG  A 1 8  ? -3.142  0.237   -8.557  1.00 19.80 ? 8   DG  A N2    1 
ATOM   158 N  N3    . DG  A 1 8  ? -1.838  1.972   -9.180  1.00 18.74 ? 8   DG  A N3    1 
ATOM   159 C  C4    . DG  A 1 8  ? -1.762  3.342   -9.073  1.00 17.51 ? 8   DG  A C4    1 
ATOM   160 P  P     . DA  A 1 9  ? 1.946   2.641   -14.113 1.00 28.68 ? 9   DA  A P     1 
ATOM   161 O  OP1   . DA  A 1 9  ? 3.188   2.045   -14.732 1.00 38.11 ? 9   DA  A OP1   1 
ATOM   162 O  OP2   . DA  A 1 9  ? 1.497   3.963   -14.519 1.00 19.81 ? 9   DA  A OP2   1 
ATOM   163 O  "O5'" . DA  A 1 9  ? 0.699   1.639   -14.263 1.00 25.75 ? 9   DA  A "O5'" 1 
ATOM   164 C  "C5'" . DA  A 1 9  ? 0.689   0.547   -13.288 1.00 25.46 ? 9   DA  A "C5'" 1 
ATOM   165 C  "C4'" . DA  A 1 9  ? -0.595  -0.185  -13.483 1.00 25.55 ? 9   DA  A "C4'" 1 
ATOM   166 O  "O4'" . DA  A 1 9  ? -1.601  0.246   -12.614 1.00 24.32 ? 9   DA  A "O4'" 1 
ATOM   167 C  "C3'" . DA  A 1 9  ? -1.203  -0.091  -14.926 1.00 28.90 ? 9   DA  A "C3'" 1 
ATOM   168 O  "O3'" . DA  A 1 9  ? -1.697  -1.398  -15.219 1.00 29.16 ? 9   DA  A "O3'" 1 
ATOM   169 C  "C2'" . DA  A 1 9  ? -2.136  1.091   -14.768 1.00 19.21 ? 9   DA  A "C2'" 1 
ATOM   170 C  "C1'" . DA  A 1 9  ? -2.666  0.856   -13.352 1.00 17.50 ? 9   DA  A "C1'" 1 
ATOM   171 N  N9    . DA  A 1 9  ? -3.200  2.056   -12.728 1.00 15.45 ? 9   DA  A N9    1 
ATOM   172 C  C8    . DA  A 1 9  ? -2.744  3.349   -12.783 1.00 15.94 ? 9   DA  A C8    1 
ATOM   173 N  N7    . DA  A 1 9  ? -3.441  4.221   -12.158 1.00 17.64 ? 9   DA  A N7    1 
ATOM   174 C  C5    . DA  A 1 9  ? -4.467  3.435   -11.557 1.00 16.66 ? 9   DA  A C5    1 
ATOM   175 C  C6    . DA  A 1 9  ? -5.513  3.796   -10.676 1.00 10.30 ? 9   DA  A C6    1 
ATOM   176 N  N6    . DA  A 1 9  ? -5.731  5.044   -10.319 1.00 13.70 ? 9   DA  A N6    1 
ATOM   177 N  N1    . DA  A 1 9  ? -6.339  2.796   -10.314 1.00 10.10 ? 9   DA  A N1    1 
ATOM   178 C  C2    . DA  A 1 9  ? -6.111  1.508   -10.689 1.00 12.12 ? 9   DA  A C2    1 
ATOM   179 N  N3    . DA  A 1 9  ? -5.094  1.087   -11.481 1.00 17.89 ? 9   DA  A N3    1 
ATOM   180 C  C4    . DA  A 1 9  ? -4.320  2.103   -11.894 1.00 14.31 ? 9   DA  A C4    1 
ATOM   181 P  P     . DG  A 1 10 ? -2.350  -1.785  -16.649 1.00 33.12 ? 10  DG  A P     1 
ATOM   182 O  OP1   . DG  A 1 10 ? -1.878  -3.207  -16.654 1.00 26.64 ? 10  DG  A OP1   1 
ATOM   183 O  OP2   . DG  A 1 10 ? -2.160  -0.739  -17.638 1.00 27.71 ? 10  DG  A OP2   1 
ATOM   184 O  "O5'" . DG  A 1 10 ? -3.935  -1.926  -16.350 1.00 22.01 ? 10  DG  A "O5'" 1 
ATOM   185 C  "C5'" . DG  A 1 10 ? -4.313  -2.957  -15.432 1.00 19.52 ? 10  DG  A "C5'" 1 
ATOM   186 C  "C4'" . DG  A 1 10 ? -5.790  -2.687  -15.248 1.00 16.34 ? 10  DG  A "C4'" 1 
ATOM   187 O  "O4'" . DG  A 1 10 ? -5.898  -1.509  -14.517 1.00 19.74 ? 10  DG  A "O4'" 1 
ATOM   188 C  "C3'" . DG  A 1 10 ? -6.484  -2.465  -16.611 1.00 20.40 ? 10  DG  A "C3'" 1 
ATOM   189 O  "O3'" . DG  A 1 10 ? -7.480  -3.419  -16.774 1.00 22.64 ? 10  DG  A "O3'" 1 
ATOM   190 C  "C2'" . DG  A 1 10 ? -6.808  -0.984  -16.659 1.00 14.77 ? 10  DG  A "C2'" 1 
ATOM   191 C  "C1'" . DG  A 1 10 ? -6.805  -0.630  -15.166 1.00 17.93 ? 10  DG  A "C1'" 1 
ATOM   192 N  N9    . DG  A 1 10 ? -6.553  0.807   -14.936 1.00 17.72 ? 10  DG  A N9    1 
ATOM   193 C  C8    . DG  A 1 10 ? -5.578  1.625   -15.452 1.00 17.57 ? 10  DG  A C8    1 
ATOM   194 N  N7    . DG  A 1 10 ? -5.675  2.853   -15.062 1.00 15.07 ? 10  DG  A N7    1 
ATOM   195 C  C5    . DG  A 1 10 ? -6.778  2.883   -14.232 1.00 18.26 ? 10  DG  A C5    1 
ATOM   196 C  C6    . DG  A 1 10 ? -7.407  3.922   -13.491 1.00 16.82 ? 10  DG  A C6    1 
ATOM   197 O  O6    . DG  A 1 10 ? -7.084  5.114   -13.469 1.00 13.77 ? 10  DG  A O6    1 
ATOM   198 N  N1    . DG  A 1 10 ? -8.514  3.528   -12.750 1.00 13.64 ? 10  DG  A N1    1 
ATOM   199 C  C2    . DG  A 1 10 ? -8.934  2.246   -12.751 1.00 12.88 ? 10  DG  A C2    1 
ATOM   200 N  N2    . DG  A 1 10 ? -10.013 1.980   -12.001 1.00 15.95 ? 10  DG  A N2    1 
ATOM   201 N  N3    . DG  A 1 10 ? -8.389  1.225   -13.407 1.00 17.85 ? 10  DG  A N3    1 
ATOM   202 C  C4    . DG  A 1 10 ? -7.318  1.607   -14.137 1.00 17.48 ? 10  DG  A C4    1 
ATOM   203 O  "O5'" . DC  B 1 1  ? -13.079 8.743   -7.461  1.00 16.93 ? 11  DC  B "O5'" 1 
ATOM   204 C  "C5'" . DC  B 1 1  ? -14.482 8.674   -7.831  1.00 17.84 ? 11  DC  B "C5'" 1 
ATOM   205 C  "C4'" . DC  B 1 1  ? -14.681 7.307   -8.476  1.00 19.13 ? 11  DC  B "C4'" 1 
ATOM   206 O  "O4'" . DC  B 1 1  ? -14.023 7.256   -9.741  1.00 23.04 ? 11  DC  B "O4'" 1 
ATOM   207 C  "C3'" . DC  B 1 1  ? -14.109 6.178   -7.654  1.00 18.19 ? 11  DC  B "C3'" 1 
ATOM   208 O  "O3'" . DC  B 1 1  ? -15.104 5.373   -7.006  1.00 25.09 ? 11  DC  B "O3'" 1 
ATOM   209 C  "C2'" . DC  B 1 1  ? -13.378 5.248   -8.610  1.00 16.81 ? 11  DC  B "C2'" 1 
ATOM   210 C  "C1'" . DC  B 1 1  ? -13.230 6.034   -9.822  1.00 19.87 ? 11  DC  B "C1'" 1 
ATOM   211 N  N1    . DC  B 1 1  ? -11.827 6.324   -10.141 1.00 13.52 ? 11  DC  B N1    1 
ATOM   212 C  C2    . DC  B 1 1  ? -11.143 5.324   -10.812 1.00 14.47 ? 11  DC  B C2    1 
ATOM   213 O  O2    . DC  B 1 1  ? -11.701 4.252   -11.039 1.00 12.00 ? 11  DC  B O2    1 
ATOM   214 N  N3    . DC  B 1 1  ? -9.865  5.611   -11.206 1.00 15.94 ? 11  DC  B N3    1 
ATOM   215 C  C4    . DC  B 1 1  ? -9.280  6.821   -10.976 1.00 11.82 ? 11  DC  B C4    1 
ATOM   216 N  N4    . DC  B 1 1  ? -8.050  7.062   -11.387 1.00 13.08 ? 11  DC  B N4    1 
ATOM   217 C  C5    . DC  B 1 1  ? -9.994  7.822   -10.240 1.00 14.96 ? 11  DC  B C5    1 
ATOM   218 C  C6    . DC  B 1 1  ? -11.249 7.535   -9.884  1.00 15.19 ? 11  DC  B C6    1 
ATOM   219 P  P     . DT  B 1 2  ? -14.606 4.613   -5.656  1.00 30.68 ? 12  DT  B P     1 
ATOM   220 O  OP1   . DT  B 1 2  ? -15.893 4.555   -4.891  1.00 30.38 ? 12  DT  B OP1   1 
ATOM   221 O  OP2   . DT  B 1 2  ? -13.473 5.353   -4.965  1.00 24.59 ? 12  DT  B OP2   1 
ATOM   222 O  "O5'" . DT  B 1 2  ? -14.116 3.191   -6.230  1.00 26.71 ? 12  DT  B "O5'" 1 
ATOM   223 C  "C5'" . DT  B 1 2  ? -14.879 2.485   -7.269  1.00 14.71 ? 12  DT  B "C5'" 1 
ATOM   224 C  "C4'" . DT  B 1 2  ? -14.030 1.280   -7.600  1.00 23.33 ? 12  DT  B "C4'" 1 
ATOM   225 O  "O4'" . DT  B 1 2  ? -12.852 1.622   -8.304  1.00 18.19 ? 12  DT  B "O4'" 1 
ATOM   226 C  "C3'" . DT  B 1 2  ? -13.533 0.410   -6.408  1.00 23.97 ? 12  DT  B "C3'" 1 
ATOM   227 O  "O3'" . DT  B 1 2  ? -13.518 -0.984  -6.817  1.00 29.01 ? 12  DT  B "O3'" 1 
ATOM   228 C  "C2'" . DT  B 1 2  ? -12.132 0.963   -6.149  1.00 16.38 ? 12  DT  B "C2'" 1 
ATOM   229 C  "C1'" . DT  B 1 2  ? -11.666 1.135   -7.567  1.00 14.39 ? 12  DT  B "C1'" 1 
ATOM   230 N  N1    . DT  B 1 2  ? -10.633 2.193   -7.696  1.00 14.39 ? 12  DT  B N1    1 
ATOM   231 C  C2    . DT  B 1 2  ? -9.554  1.943   -8.478  1.00 13.80 ? 12  DT  B C2    1 
ATOM   232 O  O2    . DT  B 1 2  ? -9.348  0.843   -9.005  1.00 16.07 ? 12  DT  B O2    1 
ATOM   233 N  N3    . DT  B 1 2  ? -8.628  2.969   -8.621  1.00 17.44 ? 12  DT  B N3    1 
ATOM   234 C  C4    . DT  B 1 2  ? -8.788  4.176   -8.057  1.00 8.31  ? 12  DT  B C4    1 
ATOM   235 O  O4    . DT  B 1 2  ? -7.883  5.014   -8.219  1.00 11.21 ? 12  DT  B O4    1 
ATOM   236 C  C5    . DT  B 1 2  ? -9.960  4.430   -7.283  1.00 18.68 ? 12  DT  B C5    1 
ATOM   237 C  C7    . DT  B 1 2  ? -10.192 5.762   -6.620  1.00 13.03 ? 12  DT  B C7    1 
ATOM   238 C  C6    . DT  B 1 2  ? -10.827 3.439   -7.141  1.00 14.89 ? 12  DT  B C6    1 
ATOM   239 P  P     . DC  B 1 3  ? -13.245 -2.147  -5.672  1.00 29.13 ? 13  DC  B P     1 
ATOM   240 O  OP1   . DC  B 1 3  ? -14.141 -3.180  -6.277  1.00 38.28 ? 13  DC  B OP1   1 
ATOM   241 O  OP2   . DC  B 1 3  ? -13.426 -1.606  -4.351  1.00 24.79 ? 13  DC  B OP2   1 
ATOM   242 O  "O5'" . DC  B 1 3  ? -11.725 -2.533  -5.948  1.00 21.09 ? 13  DC  B "O5'" 1 
ATOM   243 C  "C5'" . DC  B 1 3  ? -11.543 -3.288  -7.217  1.00 25.84 ? 13  DC  B "C5'" 1 
ATOM   244 C  "C4'" . DC  B 1 3  ? -10.030 -3.258  -7.358  1.00 20.25 ? 13  DC  B "C4'" 1 
ATOM   245 O  "O4'" . DC  B 1 3  ? -9.645  -1.896  -7.564  1.00 20.82 ? 13  DC  B "O4'" 1 
ATOM   246 C  "C3'" . DC  B 1 3  ? -9.277  -3.717  -6.120  1.00 23.25 ? 13  DC  B "C3'" 1 
ATOM   247 O  "O3'" . DC  B 1 3  ? -8.948  -5.113  -6.107  1.00 31.58 ? 13  DC  B "O3'" 1 
ATOM   248 C  "C2'" . DC  B 1 3  ? -8.032  -2.867  -6.113  1.00 18.83 ? 13  DC  B "C2'" 1 
ATOM   249 C  "C1'" . DC  B 1 3  ? -8.253  -1.822  -7.147  1.00 20.66 ? 13  DC  B "C1'" 1 
ATOM   250 N  N1    . DC  B 1 3  ? -7.897  -0.476  -6.638  1.00 18.82 ? 13  DC  B N1    1 
ATOM   251 C  C2    . DC  B 1 3  ? -6.673  0.035   -7.075  1.00 15.89 ? 13  DC  B C2    1 
ATOM   252 O  O2    . DC  B 1 3  ? -5.932  -0.621  -7.806  1.00 19.54 ? 13  DC  B O2    1 
ATOM   253 N  N3    . DC  B 1 3  ? -6.349  1.273   -6.632  1.00 13.17 ? 13  DC  B N3    1 
ATOM   254 C  C4    . DC  B 1 3  ? -7.122  1.980   -5.781  1.00 13.93 ? 13  DC  B C4    1 
ATOM   255 N  N4    . DC  B 1 3  ? -6.704  3.178   -5.379  1.00 15.89 ? 13  DC  B N4    1 
ATOM   256 C  C5    . DC  B 1 3  ? -8.351  1.432   -5.318  1.00 14.73 ? 13  DC  B C5    1 
ATOM   257 C  C6    . DC  B 1 3  ? -8.679  0.233   -5.776  1.00 14.22 ? 13  DC  B C6    1 
ATOM   258 P  P     . DT  B 1 4  ? -8.292  -5.839  -4.811  1.00 34.74 ? 14  DT  B P     1 
ATOM   259 O  OP1   . DT  B 1 4  ? -9.163  -7.012  -4.646  1.00 30.70 ? 14  DT  B OP1   1 
ATOM   260 O  OP2   . DT  B 1 4  ? -8.152  -4.949  -3.548  1.00 22.33 ? 14  DT  B OP2   1 
ATOM   261 O  "O5'" . DT  B 1 4  ? -6.838  -6.148  -5.416  1.00 34.77 ? 14  DT  B "O5'" 1 
ATOM   262 C  "C5'" . DT  B 1 4  ? -6.370  -5.868  -6.730  1.00 24.43 ? 14  DT  B "C5'" 1 
ATOM   263 C  "C4'" . DT  B 1 4  ? -4.860  -5.701  -6.723  1.00 27.31 ? 14  DT  B "C4'" 1 
ATOM   264 O  "O4'" . DT  B 1 4  ? -4.466  -4.350  -6.698  1.00 17.36 ? 14  DT  B "O4'" 1 
ATOM   265 C  "C3'" . DT  B 1 4  ? -4.068  -6.385  -5.588  1.00 25.33 ? 14  DT  B "C3'" 1 
ATOM   266 O  "O3'" . DT  B 1 4  ? -2.980  -7.135  -6.137  1.00 27.30 ? 14  DT  B "O3'" 1 
ATOM   267 C  "C2'" . DT  B 1 4  ? -3.671  -5.262  -4.655  1.00 18.96 ? 14  DT  B "C2'" 1 
ATOM   268 C  "C1'" . DT  B 1 4  ? -3.645  -4.036  -5.540  1.00 20.08 ? 14  DT  B "C1'" 1 
ATOM   269 N  N1    . DT  B 1 4  ? -4.130  -2.782  -4.891  1.00 18.91 ? 14  DT  B N1    1 
ATOM   270 C  C2    . DT  B 1 4  ? -3.400  -1.614  -5.164  1.00 14.18 ? 14  DT  B C2    1 
ATOM   271 O  O2    . DT  B 1 4  ? -2.406  -1.748  -5.906  1.00 21.87 ? 14  DT  B O2    1 
ATOM   272 N  N3    . DT  B 1 4  ? -3.839  -0.440  -4.646  1.00 9.13  ? 14  DT  B N3    1 
ATOM   273 C  C4    . DT  B 1 4  ? -4.915  -0.323  -3.899  1.00 8.88  ? 14  DT  B C4    1 
ATOM   274 O  O4    . DT  B 1 4  ? -5.254  0.779   -3.406  1.00 12.36 ? 14  DT  B O4    1 
ATOM   275 C  C5    . DT  B 1 4  ? -5.671  -1.540  -3.582  1.00 17.43 ? 14  DT  B C5    1 
ATOM   276 C  C7    . DT  B 1 4  ? -6.893  -1.518  -2.730  1.00 11.82 ? 14  DT  B C7    1 
ATOM   277 C  C6    . DT  B 1 4  ? -5.245  -2.682  -4.109  1.00 15.67 ? 14  DT  B C6    1 
ATOM   278 P  P     . DC  B 1 5  ? -1.739  -7.824  -5.454  1.00 26.46 ? 15  DC  B P     1 
ATOM   279 O  OP1   . DC  B 1 5  ? -1.558  -8.941  -6.446  1.00 27.37 ? 15  DC  B OP1   1 
ATOM   280 O  OP2   . DC  B 1 5  ? -1.915  -8.336  -4.073  1.00 18.24 ? 15  DC  B OP2   1 
ATOM   281 O  "O5'" . DC  B 1 5  ? -0.574  -6.710  -5.525  1.00 19.81 ? 15  DC  B "O5'" 1 
ATOM   282 C  "C5'" . DC  B 1 5  ? 0.068   -6.345  -6.795  1.00 11.69 ? 15  DC  B "C5'" 1 
ATOM   283 C  "C4'" . DC  B 1 5  ? 1.019   -5.225  -6.489  1.00 14.04 ? 15  DC  B "C4'" 1 
ATOM   284 O  "O4'" . DC  B 1 5  ? 0.409   -4.219  -5.762  1.00 16.80 ? 15  DC  B "O4'" 1 
ATOM   285 C  "C3'" . DC  B 1 5  ? 2.216   -5.624  -5.631  1.00 19.50 ? 15  DC  B "C3'" 1 
ATOM   286 O  "O3'" . DC  B 1 5  ? 3.447   -5.188  -6.228  1.00 15.88 ? 15  DC  B "O3'" 1 
ATOM   287 C  "C2'" . DC  B 1 5  ? 1.955   -5.064  -4.245  1.00 13.31 ? 15  DC  B "C2'" 1 
ATOM   288 C  "C1'" . DC  B 1 5  ? 1.155   -3.866  -4.554  1.00 15.58 ? 15  DC  B "C1'" 1 
ATOM   289 N  N1    . DC  B 1 5  ? 0.150   -3.359  -3.607  1.00 17.05 ? 15  DC  B N1    1 
ATOM   290 C  C2    . DC  B 1 5  ? 0.139   -1.953  -3.445  1.00 16.58 ? 15  DC  B C2    1 
ATOM   291 O  O2    . DC  B 1 5  ? 0.970   -1.265  -4.022  1.00 12.89 ? 15  DC  B O2    1 
ATOM   292 N  N3    . DC  B 1 5  ? -0.839  -1.386  -2.654  1.00 13.32 ? 15  DC  B N3    1 
ATOM   293 C  C4    . DC  B 1 5  ? -1.815  -2.154  -2.097  1.00 12.84 ? 15  DC  B C4    1 
ATOM   294 N  N4    . DC  B 1 5  ? -2.772  -1.591  -1.348  1.00 12.91 ? 15  DC  B N4    1 
ATOM   295 C  C5    . DC  B 1 5  ? -1.783  -3.553  -2.288  1.00 12.04 ? 15  DC  B C5    1 
ATOM   296 C  C6    . DC  B 1 5  ? -0.827  -4.105  -3.031  1.00 12.53 ? 15  DC  B C6    1 
ATOM   297 P  P     . DG  B 1 6  ? 4.810   -5.840  -5.700  1.00 17.03 ? 16  DG  B P     1 
ATOM   298 O  OP1   . DG  B 1 6  ? 5.611   -5.705  -6.933  1.00 19.41 ? 16  DG  B OP1   1 
ATOM   299 O  OP2   . DG  B 1 6  ? 4.726   -7.134  -4.997  1.00 13.43 ? 16  DG  B OP2   1 
ATOM   300 O  "O5'" . DG  B 1 6  ? 5.297   -4.769  -4.588  1.00 14.85 ? 16  DG  B "O5'" 1 
ATOM   301 C  "C5'" . DG  B 1 6  ? 5.456   -3.374  -4.930  1.00 9.91  ? 16  DG  B "C5'" 1 
ATOM   302 C  "C4'" . DG  B 1 6  ? 5.600   -2.739  -3.646  1.00 9.39  ? 16  DG  B "C4'" 1 
ATOM   303 O  "O4'" . DG  B 1 6  ? 4.366   -2.622  -2.970  1.00 12.97 ? 16  DG  B "O4'" 1 
ATOM   304 C  "C3'" . DG  B 1 6  ? 6.515   -3.454  -2.632  1.00 12.33 ? 16  DG  B "C3'" 1 
ATOM   305 O  "O3'" . DG  B 1 6  ? 7.244   -2.364  -2.083  1.00 18.83 ? 16  DG  B "O3'" 1 
ATOM   306 C  "C2'" . DG  B 1 6  ? 5.571   -4.061  -1.591  1.00 10.38 ? 16  DG  B "C2'" 1 
ATOM   307 C  "C1'" . DG  B 1 6  ? 4.507   -2.999  -1.560  1.00 12.21 ? 16  DG  B "C1'" 1 
ATOM   308 N  N9    . DG  B 1 6  ? 3.224   -3.340  -0.970  1.00 14.51 ? 16  DG  B N9    1 
ATOM   309 C  C8    . DG  B 1 6  ? 2.583   -4.571  -0.764  1.00 10.67 ? 16  DG  B C8    1 
ATOM   310 N  N7    . DG  B 1 6  ? 1.431   -4.469  -0.180  1.00 9.82  ? 16  DG  B N7    1 
ATOM   311 C  C5    . DG  B 1 6  ? 1.258   -3.139  0.082   1.00 11.49 ? 16  DG  B C5    1 
ATOM   312 C  C6    . DG  B 1 6  ? 0.229   -2.406  0.684   1.00 8.78  ? 16  DG  B C6    1 
ATOM   313 O  O6    . DG  B 1 6  ? -0.827  -2.802  1.174   1.00 11.45 ? 16  DG  B O6    1 
ATOM   314 N  N1    . DG  B 1 6  ? 0.463   -1.040  0.748   1.00 11.82 ? 16  DG  B N1    1 
ATOM   315 C  C2    . DG  B 1 6  ? 1.572   -0.467  0.257   1.00 10.40 ? 16  DG  B C2    1 
ATOM   316 N  N2    . DG  B 1 6  ? 1.635   0.861   0.378   1.00 11.34 ? 16  DG  B N2    1 
ATOM   317 N  N3    . DG  B 1 6  ? 2.571   -1.089  -0.331  1.00 9.98  ? 16  DG  B N3    1 
ATOM   318 C  C4    . DG  B 1 6  ? 2.375   -2.418  -0.387  1.00 15.82 ? 16  DG  B C4    1 
ATOM   319 P  P     . DA  B 1 7  ? 8.798   -2.203  -2.306  1.00 15.91 ? 17  DA  B P     1 
ATOM   320 O  OP1   . DA  B 1 7  ? 8.982   -2.285  -3.725  1.00 18.77 ? 17  DA  B OP1   1 
ATOM   321 O  OP2   . DA  B 1 7  ? 9.471   -3.142  -1.428  1.00 17.40 ? 17  DA  B OP2   1 
ATOM   322 O  "O5'" . DA  B 1 7  ? 9.016   -0.671  -1.777  1.00 13.38 ? 17  DA  B "O5'" 1 
ATOM   323 C  "C5'" . DA  B 1 7  ? 8.425   0.493   -2.328  1.00 12.15 ? 17  DA  B "C5'" 1 
ATOM   324 C  "C4'" . DA  B 1 7  ? 8.137   1.426   -1.172  1.00 10.38 ? 17  DA  B "C4'" 1 
ATOM   325 O  "O4'" . DA  B 1 7  ? 7.005   1.142   -0.394  1.00 11.59 ? 17  DA  B "O4'" 1 
ATOM   326 C  "C3'" . DA  B 1 7  ? 9.304   1.541   -0.170  1.00 14.98 ? 17  DA  B "C3'" 1 
ATOM   327 O  "O3'" . DA  B 1 7  ? 9.552   2.925   0.070   1.00 11.01 ? 17  DA  B "O3'" 1 
ATOM   328 C  "C2'" . DA  B 1 7  ? 8.803   0.754   1.061   1.00 12.83 ? 17  DA  B "C2'" 1 
ATOM   329 C  "C1'" . DA  B 1 7  ? 7.308   0.983   1.020   1.00 12.57 ? 17  DA  B "C1'" 1 
ATOM   330 N  N9    . DA  B 1 7  ? 6.515   -0.200  1.447   1.00 13.87 ? 17  DA  B N9    1 
ATOM   331 C  C8    . DA  B 1 7  ? 6.825   -1.537  1.277   1.00 10.25 ? 17  DA  B C8    1 
ATOM   332 N  N7    . DA  B 1 7  ? 5.928   -2.342  1.699   1.00 10.64 ? 17  DA  B N7    1 
ATOM   333 C  C5    . DA  B 1 7  ? 4.953   -1.502  2.225   1.00 13.17 ? 17  DA  B C5    1 
ATOM   334 C  C6    . DA  B 1 7  ? 3.679   -1.786  2.822   1.00 13.48 ? 17  DA  B C6    1 
ATOM   335 N  N6    . DA  B 1 7  ? 3.247   -3.059  2.938   1.00 12.60 ? 17  DA  B N6    1 
ATOM   336 N  N1    . DA  B 1 7  ? 2.961   -0.682  3.156   1.00 12.90 ? 17  DA  B N1    1 
ATOM   337 C  C2    . DA  B 1 7  ? 3.407   0.574   2.989   1.00 10.86 ? 17  DA  B C2    1 
ATOM   338 N  N3    . DA  B 1 7  ? 4.588   0.899   2.421   1.00 12.69 ? 17  DA  B N3    1 
ATOM   339 C  C4    . DA  B 1 7  ? 5.291   -0.181  2.058   1.00 15.13 ? 17  DA  B C4    1 
ATOM   340 P  P     . DG  B 1 8  ? 10.735  3.406   1.062   1.00 14.92 ? 18  DG  B P     1 
ATOM   341 O  OP1   . DG  B 1 8  ? 10.967  4.787   0.675   1.00 14.44 ? 18  DG  B OP1   1 
ATOM   342 O  OP2   . DG  B 1 8  ? 11.777  2.385   1.169   1.00 12.41 ? 18  DG  B OP2   1 
ATOM   343 O  "O5'" . DG  B 1 8  ? 9.967   3.401   2.522   1.00 14.44 ? 18  DG  B "O5'" 1 
ATOM   344 C  "C5'" . DG  B 1 8  ? 9.151   4.572   2.776   1.00 17.40 ? 18  DG  B "C5'" 1 
ATOM   345 C  "C4'" . DG  B 1 8  ? 8.530   4.246   4.135   1.00 17.23 ? 18  DG  B "C4'" 1 
ATOM   346 O  "O4'" . DG  B 1 8  ? 7.802   3.103   4.093   1.00 12.61 ? 18  DG  B "O4'" 1 
ATOM   347 C  "C3'" . DG  B 1 8  ? 9.621   4.044   5.193   1.00 14.67 ? 18  DG  B "C3'" 1 
ATOM   348 O  "O3'" . DG  B 1 8  ? 9.486   5.045   6.204   1.00 20.57 ? 18  DG  B "O3'" 1 
ATOM   349 C  "C2'" . DG  B 1 8  ? 9.425   2.631   5.671   1.00 16.19 ? 18  DG  B "C2'" 1 
ATOM   350 C  "C1'" . DG  B 1 8  ? 7.991   2.409   5.278   1.00 13.73 ? 18  DG  B "C1'" 1 
ATOM   351 N  N9    . DG  B 1 8  ? 7.659   0.999   5.193   1.00 16.96 ? 18  DG  B N9    1 
ATOM   352 C  C8    . DG  B 1 8  ? 8.381   -0.062  4.708   1.00 14.54 ? 18  DG  B C8    1 
ATOM   353 N  N7    . DG  B 1 8  ? 7.797   -1.212  4.792   1.00 13.47 ? 18  DG  B N7    1 
ATOM   354 C  C5    . DG  B 1 8  ? 6.558   -0.902  5.407   1.00 13.82 ? 18  DG  B C5    1 
ATOM   355 C  C6    . DG  B 1 8  ? 5.470   -1.713  5.764   1.00 9.25  ? 18  DG  B C6    1 
ATOM   356 O  O6    . DG  B 1 8  ? 5.399   -2.920  5.649   1.00 9.14  ? 18  DG  B O6    1 
ATOM   357 N  N1    . DG  B 1 8  ? 4.424   -1.036  6.340   1.00 12.40 ? 18  DG  B N1    1 
ATOM   358 C  C2    . DG  B 1 8  ? 4.402   0.314   6.528   1.00 9.71  ? 18  DG  B C2    1 
ATOM   359 N  N2    . DG  B 1 8  ? 3.313   0.857   7.059   1.00 14.39 ? 18  DG  B N2    1 
ATOM   360 N  N3    . DG  B 1 8  ? 5.415   1.144   6.210   1.00 13.42 ? 18  DG  B N3    1 
ATOM   361 C  C4    . DG  B 1 8  ? 6.451   0.457   5.625   1.00 14.32 ? 18  DG  B C4    1 
ATOM   362 P  P     . DA  B 1 9  ? 10.394  5.206   7.484   1.00 15.81 ? 19  DA  B P     1 
ATOM   363 O  OP1   . DA  B 1 9  ? 10.530  6.659   7.493   1.00 22.65 ? 19  DA  B OP1   1 
ATOM   364 O  OP2   . DA  B 1 9  ? 11.596  4.416   7.524   1.00 15.11 ? 19  DA  B OP2   1 
ATOM   365 O  "O5'" . DA  B 1 9  ? 9.365   4.713   8.667   1.00 17.40 ? 19  DA  B "O5'" 1 
ATOM   366 C  "C5'" . DA  B 1 9  ? 8.112   5.387   8.760   1.00 12.84 ? 19  DA  B "C5'" 1 
ATOM   367 C  "C4'" . DA  B 1 9  ? 7.152   4.492   9.499   1.00 11.26 ? 19  DA  B "C4'" 1 
ATOM   368 O  "O4'" . DA  B 1 9  ? 6.726   3.427   8.696   1.00 11.84 ? 19  DA  B "O4'" 1 
ATOM   369 C  "C3'" . DA  B 1 9  ? 7.666   3.829   10.767  1.00 14.97 ? 19  DA  B "C3'" 1 
ATOM   370 O  "O3'" . DA  B 1 9  ? 7.866   4.650   11.881  1.00 16.64 ? 19  DA  B "O3'" 1 
ATOM   371 C  "C2'" . DA  B 1 9  ? 6.494   2.824   11.034  1.00 15.94 ? 19  DA  B "C2'" 1 
ATOM   372 C  "C1'" . DA  B 1 9  ? 6.276   2.415   9.621   1.00 15.10 ? 19  DA  B "C1'" 1 
ATOM   373 N  N9    . DA  B 1 9  ? 6.968   1.159   9.255   1.00 11.03 ? 19  DA  B N9    1 
ATOM   374 C  C8    . DA  B 1 9  ? 8.118   0.959   8.656   1.00 7.08  ? 19  DA  B C8    1 
ATOM   375 N  N7    . DA  B 1 9  ? 8.324   -0.322  8.377   1.00 15.60 ? 19  DA  B N7    1 
ATOM   376 C  C5    . DA  B 1 9  ? 7.208   -0.980  8.757   1.00 12.28 ? 19  DA  B C5    1 
ATOM   377 C  C6    . DA  B 1 9  ? 6.828   -2.338  8.700   1.00 11.24 ? 19  DA  B C6    1 
ATOM   378 N  N6    . DA  B 1 9  ? 7.531   -3.320  8.224   1.00 7.90  ? 19  DA  B N6    1 
ATOM   379 N  N1    . DA  B 1 9  ? 5.569   -2.638  9.227   1.00 14.27 ? 19  DA  B N1    1 
ATOM   380 C  C2    . DA  B 1 9  ? 4.761   -1.625  9.714   1.00 12.04 ? 19  DA  B C2    1 
ATOM   381 N  N3    . DA  B 1 9  ? 5.107   -0.347  9.771   1.00 9.61  ? 19  DA  B N3    1 
ATOM   382 C  C4    . DA  B 1 9  ? 6.321   -0.068  9.310   1.00 8.72  ? 19  DA  B C4    1 
ATOM   383 P  P     . DG  B 1 10 ? 8.580   4.210   13.224  1.00 13.24 ? 20  DG  B P     1 
ATOM   384 O  OP1   . DG  B 1 10 ? 8.704   5.529   13.943  1.00 11.28 ? 20  DG  B OP1   1 
ATOM   385 O  OP2   . DG  B 1 10 ? 9.753   3.418   13.075  1.00 10.95 ? 20  DG  B OP2   1 
ATOM   386 O  "O5'" . DG  B 1 10 ? 7.515   3.297   13.974  1.00 13.29 ? 20  DG  B "O5'" 1 
ATOM   387 C  "C5'" . DG  B 1 10 ? 6.155   3.744   14.342  1.00 8.17  ? 20  DG  B "C5'" 1 
ATOM   388 C  "C4'" . DG  B 1 10 ? 5.527   2.474   14.920  1.00 17.28 ? 20  DG  B "C4'" 1 
ATOM   389 O  "O4'" . DG  B 1 10 ? 5.166   1.511   13.886  1.00 12.52 ? 20  DG  B "O4'" 1 
ATOM   390 C  "C3'" . DG  B 1 10 ? 6.508   1.730   15.841  1.00 19.64 ? 20  DG  B "C3'" 1 
ATOM   391 O  "O3'" . DG  B 1 10 ? 6.611   2.383   17.108  1.00 23.74 ? 20  DG  B "O3'" 1 
ATOM   392 C  "C2'" . DG  B 1 10 ? 6.077   0.302   15.734  1.00 23.95 ? 20  DG  B "C2'" 1 
ATOM   393 C  "C1'" . DG  B 1 10 ? 5.535   0.243   14.292  1.00 13.63 ? 20  DG  B "C1'" 1 
ATOM   394 N  N9    . DG  B 1 10 ? 6.624   -0.366  13.480  1.00 16.47 ? 20  DG  B N9    1 
ATOM   395 C  C8    . DG  B 1 10 ? 7.815   0.158   13.081  1.00 10.76 ? 20  DG  B C8    1 
ATOM   396 N  N7    . DG  B 1 10 ? 8.568   -0.696  12.416  1.00 17.78 ? 20  DG  B N7    1 
ATOM   397 C  C5    . DG  B 1 10 ? 7.801   -1.850  12.371  1.00 13.86 ? 20  DG  B C5    1 
ATOM   398 C  C6    . DG  B 1 10 ? 8.047   -3.109  11.755  1.00 10.61 ? 20  DG  B C6    1 
ATOM   399 O  O6    . DG  B 1 10 ? 9.022   -3.454  11.145  1.00 10.86 ? 20  DG  B O6    1 
ATOM   400 N  N1    . DG  B 1 10 ? 7.033   -4.023  11.988  1.00 14.55 ? 20  DG  B N1    1 
ATOM   401 C  C2    . DG  B 1 10 ? 5.871   -3.731  12.642  1.00 7.75  ? 20  DG  B C2    1 
ATOM   402 N  N2    . DG  B 1 10 ? 4.984   -4.708  12.732  1.00 12.67 ? 20  DG  B N2    1 
ATOM   403 N  N3    . DG  B 1 10 ? 5.604   -2.542  13.174  1.00 12.08 ? 20  DG  B N3    1 
ATOM   404 C  C4    . DG  B 1 10 ? 6.598   -1.659  13.028  1.00 11.14 ? 20  DG  B C4    1 
HETATM 405 CA CA    . CA  C 2 .  ? 4.318   0.987   -6.034  1.00 16.81 ? 21  CA  A CA    1 
HETATM 406 CA CA    . CA  D 2 .  ? -7.013  5.004   8.880   1.00 21.33 ? 22  CA  A CA    1 
HETATM 407 CA CA    . CA  E 2 .  ? 0.989   -1.115  13.566  1.00 26.48 ? 24  CA  A CA    1 
HETATM 408 CA CA    . CA  F 2 .  ? 8.167   -5.513  -7.307  1.00 28.40 ? 23  CA  B CA    1 
HETATM 409 CA CA    . CA  G 2 .  ? 3.109   5.502   5.769   1.00 35.58 ? 25  CA  B CA    1 
HETATM 410 CA CA    . CA  H 2 .  ? 13.216  -2.046  12.069  1.00 35.21 ? 26  CA  B CA    1 
HETATM 411 O  O     . HOH I 3 .  ? 6.514   5.074   -6.870  1.00 15.32 ? 28  HOH A O     1 
HETATM 412 O  O     . HOH I 3 .  ? 0.711   1.409   9.937   1.00 13.56 ? 30  HOH A O     1 
HETATM 413 O  O     . HOH I 3 .  ? -0.252  8.140   -10.483 1.00 44.64 ? 31  HOH A O     1 
HETATM 414 O  O     . HOH I 3 .  ? 3.001   3.893   -1.123  1.00 11.95 ? 36  HOH A O     1 
HETATM 415 O  O     . HOH I 3 .  ? 0.209   3.951   8.420   1.00 20.14 ? 37  HOH A O     1 
HETATM 416 O  O     . HOH I 3 .  ? 7.257   -9.094  4.531   1.00 43.16 ? 44  HOH A O     1 
HETATM 417 O  O     . HOH I 3 .  ? 0.073   -5.547  3.802   1.00 14.91 ? 46  HOH A O     1 
HETATM 418 O  O     . HOH I 3 .  ? -2.725  -5.974  7.334   1.00 20.64 ? 47  HOH A O     1 
HETATM 419 O  O     . HOH I 3 .  ? -5.345  1.132   -0.226  1.00 23.31 ? 48  HOH A O     1 
HETATM 420 O  O     . HOH I 3 .  ? -5.455  -0.902  5.742   1.00 22.39 ? 49  HOH A O     1 
HETATM 421 O  O     . HOH I 3 .  ? -1.816  -7.204  5.158   1.00 41.99 ? 51  HOH A O     1 
HETATM 422 O  O     . HOH I 3 .  ? 3.720   -7.528  13.778  1.00 30.95 ? 52  HOH A O     1 
HETATM 423 O  O     . HOH I 3 .  ? -7.089  1.160   5.345   1.00 32.37 ? 53  HOH A O     1 
HETATM 424 O  O     . HOH I 3 .  ? -5.474  4.829   -0.392  1.00 30.29 ? 54  HOH A O     1 
HETATM 425 O  O     . HOH I 3 .  ? 2.909   -15.268 7.863   1.00 37.04 ? 59  HOH A O     1 
HETATM 426 O  O     . HOH I 3 .  ? -8.539  -4.752  -14.918 1.00 41.79 ? 64  HOH A O     1 
HETATM 427 O  O     . HOH I 3 .  ? 1.462   -9.308  6.032   1.00 29.25 ? 66  HOH A O     1 
HETATM 428 O  O     . HOH I 3 .  ? 9.236   -8.560  2.380   1.00 42.95 ? 70  HOH A O     1 
HETATM 429 O  O     . HOH I 3 .  ? 2.460   -6.910  4.432   1.00 34.97 ? 71  HOH A O     1 
HETATM 430 O  O     . HOH I 3 .  ? -6.507  -1.101  1.283   1.00 18.34 ? 73  HOH A O     1 
HETATM 431 O  O     . HOH I 3 .  ? -0.172  5.827   -18.126 1.00 29.55 ? 75  HOH A O     1 
HETATM 432 O  O     . HOH I 3 .  ? -7.409  5.026   3.247   1.00 32.02 ? 76  HOH A O     1 
HETATM 433 O  O     . HOH I 3 .  ? -5.865  3.538   4.995   1.00 21.83 ? 78  HOH A O     1 
HETATM 434 O  O     . HOH I 3 .  ? 1.297   4.490   1.817   1.00 20.52 ? 79  HOH A O     1 
HETATM 435 O  O     . HOH I 3 .  ? 13.465  -15.601 4.545   1.00 35.13 ? 81  HOH A O     1 
HETATM 436 O  O     . HOH I 3 .  ? 7.900   -6.719  5.637   1.00 29.18 ? 82  HOH A O     1 
HETATM 437 O  O     . HOH I 3 .  ? -8.323  -3.545  10.381  1.00 42.18 ? 85  HOH A O     1 
HETATM 438 O  O     . HOH I 3 .  ? 6.953   2.347   -9.672  1.00 29.70 ? 87  HOH A O     1 
HETATM 439 O  O     . HOH I 3 .  ? -4.769  6.159   -3.408  1.00 35.06 ? 89  HOH A O     1 
HETATM 440 O  O     . HOH I 3 .  ? -2.420  -11.407 11.135  1.00 41.51 ? 93  HOH A O     1 
HETATM 441 O  O     . HOH I 3 .  ? 9.173   -10.058 6.784   1.00 23.00 ? 96  HOH A O     1 
HETATM 442 O  O     . HOH I 3 .  ? -4.342  -5.633  3.611   1.00 33.89 ? 98  HOH A O     1 
HETATM 443 O  O     . HOH I 3 .  ? -6.499  6.476   1.144   1.00 43.16 ? 101 HOH A O     1 
HETATM 444 O  O     . HOH I 3 .  ? 10.435  -4.149  6.950   1.00 34.36 ? 103 HOH A O     1 
HETATM 445 O  O     . HOH I 3 .  ? -0.858  5.833   -14.697 1.00 35.48 ? 104 HOH A O     1 
HETATM 446 O  O     . HOH I 3 .  ? -5.587  -2.861  3.629   1.00 32.41 ? 105 HOH A O     1 
HETATM 447 O  O     . HOH I 3 .  ? -4.346  7.579   -10.381 1.00 34.15 ? 108 HOH A O     1 
HETATM 448 O  O     . HOH I 3 .  ? 2.148   1.782   -6.803  1.00 17.00 ? 111 HOH A O     1 
HETATM 449 O  O     . HOH I 3 .  ? 3.825   2.963   -4.601  1.00 10.14 ? 112 HOH A O     1 
HETATM 450 O  O     . HOH I 3 .  ? 5.467   2.668   -7.453  1.00 19.01 ? 113 HOH A O     1 
HETATM 451 O  O     . HOH I 3 .  ? -7.114  2.646   8.423   1.00 23.85 ? 116 HOH A O     1 
HETATM 452 O  O     . HOH I 3 .  ? -5.773  3.796   10.548  1.00 26.62 ? 117 HOH A O     1 
HETATM 453 O  O     . HOH I 3 .  ? -8.788  4.634   7.086   1.00 24.50 ? 118 HOH A O     1 
HETATM 454 O  O     . HOH I 3 .  ? -5.776  6.758   10.070  1.00 23.35 ? 119 HOH A O     1 
HETATM 455 O  O     . HOH I 3 .  ? -7.417  7.025   7.750   1.00 31.23 ? 120 HOH A O     1 
HETATM 456 O  O     . HOH I 3 .  ? -0.612  -0.025  11.929  1.00 11.61 ? 124 HOH A O     1 
HETATM 457 O  O     . HOH I 3 .  ? 0.102   1.009   14.588  1.00 28.77 ? 126 HOH A O     1 
HETATM 458 O  O     . HOH I 3 .  ? 1.747   -2.332  11.698  1.00 29.83 ? 127 HOH A O     1 
HETATM 459 O  O     . HOH I 3 .  ? 1.885   6.933   4.158   1.00 24.06 ? 131 HOH A O     1 
HETATM 460 O  O     . HOH I 3 .  ? 1.225   4.209   4.983   1.00 22.54 ? 134 HOH A O     1 
HETATM 461 O  O     . HOH J 3 .  ? 9.000   1.601   -6.619  1.00 13.62 ? 27  HOH B O     1 
HETATM 462 O  O     . HOH J 3 .  ? 3.300   1.580   10.811  1.00 15.78 ? 29  HOH B O     1 
HETATM 463 O  O     . HOH J 3 .  ? 4.985   -9.842  -5.395  0.50 10.31 ? 32  HOH B O     1 
HETATM 464 O  O     . HOH J 3 .  ? -4.682  -3.371  -0.231  1.00 15.01 ? 33  HOH B O     1 
HETATM 465 O  O     . HOH J 3 .  ? 4.419   1.301   -1.319  1.00 13.64 ? 34  HOH B O     1 
HETATM 466 O  O     . HOH J 3 .  ? -13.180 8.086   -4.944  1.00 14.98 ? 35  HOH B O     1 
HETATM 467 O  O     . HOH J 3 .  ? 11.193  -0.813  7.720   1.00 25.42 ? 38  HOH B O     1 
HETATM 468 O  O     . HOH J 3 .  ? -6.839  7.458   -6.847  1.00 15.88 ? 39  HOH B O     1 
HETATM 469 O  O     . HOH J 3 .  ? 11.764  1.941   8.785   1.00 15.92 ? 40  HOH B O     1 
HETATM 470 O  O     . HOH J 3 .  ? -2.135  -7.410  0.124   1.00 12.33 ? 41  HOH B O     1 
HETATM 471 O  O     . HOH J 3 .  ? -2.745  -4.887  0.786   1.00 22.91 ? 42  HOH B O     1 
HETATM 472 O  O     . HOH J 3 .  ? -8.545  4.104   -3.367  1.00 26.36 ? 43  HOH B O     1 
HETATM 473 O  O     . HOH J 3 .  ? 0.127   -6.294  1.105   1.00 19.60 ? 45  HOH B O     1 
HETATM 474 O  O     . HOH J 3 .  ? 12.791  2.868   5.338   1.00 28.96 ? 50  HOH B O     1 
HETATM 475 O  O     . HOH J 3 .  ? 7.652   -4.670  1.377   1.00 27.84 ? 55  HOH B O     1 
HETATM 476 O  O     . HOH J 3 .  ? 10.529  1.233   11.131  1.00 22.05 ? 56  HOH B O     1 
HETATM 477 O  O     . HOH J 3 .  ? -16.932 -0.333  -5.893  1.00 30.72 ? 57  HOH B O     1 
HETATM 478 O  O     . HOH J 3 .  ? -6.405  -7.908  -1.665  1.00 21.86 ? 58  HOH B O     1 
HETATM 479 O  O     . HOH J 3 .  ? -11.471 3.946   -3.543  1.00 24.71 ? 60  HOH B O     1 
HETATM 480 O  O     . HOH J 3 .  ? 5.232   9.442   7.877   1.00 24.39 ? 61  HOH B O     1 
HETATM 481 O  O     . HOH J 3 .  ? -15.517 9.205   -4.071  1.00 40.75 ? 62  HOH B O     1 
HETATM 482 O  O     . HOH J 3 .  ? 5.220   3.394   2.251   1.00 27.64 ? 63  HOH B O     1 
HETATM 483 O  O     . HOH J 3 .  ? -15.824 2.054   -3.901  1.00 44.15 ? 65  HOH B O     1 
HETATM 484 O  O     . HOH J 3 .  ? -6.515  -5.262  -0.997  1.00 23.37 ? 67  HOH B O     1 
HETATM 485 O  O     . HOH J 3 .  ? -4.352  -3.400  -10.837 1.00 45.77 ? 68  HOH B O     1 
HETATM 486 O  O     . HOH J 3 .  ? -9.781  -3.711  -1.814  1.00 23.95 ? 69  HOH B O     1 
HETATM 487 O  O     . HOH J 3 .  ? -0.472  -2.105  -7.714  1.00 27.53 ? 72  HOH B O     1 
HETATM 488 O  O     . HOH J 3 .  ? 10.682  -2.492  1.082   1.00 33.12 ? 74  HOH B O     1 
HETATM 489 O  O     . HOH J 3 .  ? 11.562  0.473   3.706   1.00 22.58 ? 77  HOH B O     1 
HETATM 490 O  O     . HOH J 3 .  ? 4.085   6.914   1.890   1.00 30.54 ? 80  HOH B O     1 
HETATM 491 O  O     . HOH J 3 .  ? 4.990   -5.159  2.220   1.00 31.86 ? 83  HOH B O     1 
HETATM 492 O  O     . HOH J 3 .  ? 6.812   -4.763  4.164   1.00 28.40 ? 84  HOH B O     1 
HETATM 493 O  O     . HOH J 3 .  ? 9.180   -3.624  4.009   1.00 25.64 ? 86  HOH B O     1 
HETATM 494 O  O     . HOH J 3 .  ? -14.392 10.485  -10.584 1.00 30.26 ? 88  HOH B O     1 
HETATM 495 O  O     . HOH J 3 .  ? 8.601   -1.037  -6.103  1.00 33.36 ? 90  HOH B O     1 
HETATM 496 O  O     . HOH J 3 .  ? -8.536  -7.485  -7.356  1.00 29.69 ? 91  HOH B O     1 
HETATM 497 O  O     . HOH J 3 .  ? -10.520 -0.615  -3.411  1.00 29.59 ? 92  HOH B O     1 
HETATM 498 O  O     . HOH J 3 .  ? 2.117   -8.004  -2.144  1.00 32.73 ? 94  HOH B O     1 
HETATM 499 O  O     . HOH J 3 .  ? -11.448 -1.244  -10.614 1.00 32.28 ? 95  HOH B O     1 
HETATM 500 O  O     . HOH J 3 .  ? 4.074   -3.957  -9.498  1.00 37.65 ? 97  HOH B O     1 
HETATM 501 O  O     . HOH J 3 .  ? 13.517  -6.048  10.778  1.00 27.09 ? 99  HOH B O     1 
HETATM 502 O  O     . HOH J 3 .  ? 8.305   9.727   8.153   1.00 31.98 ? 100 HOH B O     1 
HETATM 503 O  O     . HOH J 3 .  ? 6.072   6.348   4.362   1.00 39.41 ? 102 HOH B O     1 
HETATM 504 O  O     . HOH J 3 .  ? 12.332  -1.347  5.190   1.00 28.12 ? 106 HOH B O     1 
HETATM 505 O  O     . HOH J 3 .  ? 6.132   8.005   8.663   1.00 27.84 ? 107 HOH B O     1 
HETATM 506 O  O     . HOH J 3 .  ? 2.831   -1.035  -6.113  1.00 17.91 ? 109 HOH B O     1 
HETATM 507 O  O     . HOH J 3 .  ? 5.945   -0.738  -6.729  1.00 19.08 ? 110 HOH B O     1 
HETATM 508 O  O     . HOH J 3 .  ? 6.420   1.435   -4.782  1.00 11.95 ? 114 HOH B O     1 
HETATM 509 O  O     . HOH J 3 .  ? 3.931   0.064   -3.814  1.00 16.65 ? 115 HOH B O     1 
HETATM 510 O  O     . HOH J 3 .  ? 9.000   -4.377  -5.433  1.00 24.49 ? 121 HOH B O     1 
HETATM 511 O  O     . HOH J 3 .  ? 8.208   -3.151  -7.703  1.00 21.91 ? 122 HOH B O     1 
HETATM 512 O  O     . HOH J 3 .  ? 7.945   -5.365  -9.815  1.00 24.64 ? 123 HOH B O     1 
HETATM 513 O  O     . HOH J 3 .  ? 2.868   0.194   13.073  1.00 22.41 ? 125 HOH B O     1 
HETATM 514 O  O     . HOH J 3 .  ? 2.988   -2.260  14.097  1.00 19.24 ? 128 HOH B O     1 
HETATM 515 O  O     . HOH J 3 .  ? 4.782   3.793   5.651   1.00 23.50 ? 129 HOH B O     1 
HETATM 516 O  O     . HOH J 3 .  ? 2.741   3.680   7.464   1.00 16.21 ? 130 HOH B O     1 
HETATM 517 O  O     . HOH J 3 .  ? 4.753   6.016   7.483   1.00 22.85 ? 132 HOH B O     1 
HETATM 518 O  O     . HOH J 3 .  ? 3.344   4.813   3.465   1.00 20.30 ? 133 HOH B O     1 
HETATM 519 O  O     . HOH J 3 .  ? 15.625  -1.397  12.441  1.00 29.15 ? 135 HOH B O     1 
HETATM 520 O  O     . HOH J 3 .  ? 12.051  -4.139  12.272  1.00 29.94 ? 136 HOH B O     1 
HETATM 521 O  O     . HOH J 3 .  ? 12.979  0.331   11.373  1.00 28.82 ? 137 HOH B O     1 
HETATM 522 O  O     . HOH J 3 .  ? 11.134  -1.289  13.253  1.00 16.07 ? 138 HOH B O     1 
HETATM 523 O  O     . HOH J 3 .  ? 11.286  -1.937  10.424  1.00 27.33 ? 139 HOH B O     1 
HETATM 524 O  O     . HOH J 3 .  ? 14.358  -3.128  10.217  1.00 44.29 ? 140 HOH B O     1 
# 
